data_3L24
#
_entry.id   3L24
#
_cell.length_a   124.354
_cell.length_b   143.934
_cell.length_c   219.213
_cell.angle_alpha   90.00
_cell.angle_beta   90.00
_cell.angle_gamma   90.00
#
_symmetry.space_group_name_H-M   'I 2 2 2'
#
loop_
_entity.id
_entity.type
_entity.pdbx_description
1 polymer 'Xaa-Pro dipeptidase'
2 non-polymer 'MANGANESE (II) ION'
3 non-polymer 'GLYCOLIC ACID'
4 water water
#
_entity_poly.entity_id   1
_entity_poly.type   'polypeptide(L)'
_entity_poly.pdbx_seq_one_letter_code
;MNKLAVLYAEHIATLQKRTREIIERENLDGVVFHSGQAKRQFLDDMYYPFKVNPQFKAWLPVIDNPHCWIVANGTDKPKL
IFYRPVDFWHKVPDEPNEYWADYFDIELLVKPDQVEKLLPYDKARFAYIGEYLEVAQALGFELMNPEPVMNFYHYHRAYK
TQYELACMREANKIAVQGHKAARDAFFQGKSEFEIQQAYLLATQHSENDNPYGNIVALNENCAILHYTHFDRVAPATHRS
FLIDAGANFNGYAADITRTYDFTGEGEFAELVATMKQHQIALMNQLAPGKLYGELHLDCHQRVAQTLSDFNIVDLSADEI
VAKGITSTFFPHGLGHHIGLQVHDVGGFMADEQGAHQEPPEGHPFLRCTRKIEANQVFTIEPGLYFIDSLLGDLAATDNN
QHINWDKVAELKPFGGIRIEDNIIVHEDSLENMTRELRLRLTTHSLRGLSAPQFSINDPAVMSEYSYPSEPLSYEEEIKK
STFIVHVRTRRILVRRRTLSPILIAVTPMPAITAGLM
;
_entity_poly.pdbx_strand_id   A,B,C
#
loop_
_chem_comp.id
_chem_comp.type
_chem_comp.name
_chem_comp.formula
GOA non-polymer 'GLYCOLIC ACID' 'C2 H4 O3'
MN non-polymer 'MANGANESE (II) ION' 'Mn 2'
#
# COMPACT_ATOMS: atom_id res chain seq x y z
N MET A 1 -3.40 5.88 36.45
CA MET A 1 -3.81 5.92 35.01
C MET A 1 -4.24 4.56 34.49
N ASN A 2 -5.14 4.58 33.51
CA ASN A 2 -5.68 3.37 32.90
C ASN A 2 -5.26 3.30 31.43
N LYS A 3 -4.39 2.36 31.09
CA LYS A 3 -3.92 2.20 29.71
C LYS A 3 -5.09 2.11 28.73
N LEU A 4 -6.08 1.32 29.10
CA LEU A 4 -7.27 1.12 28.28
C LEU A 4 -7.94 2.48 28.12
N ALA A 5 -8.06 3.22 29.21
CA ALA A 5 -8.68 4.53 29.19
C ALA A 5 -7.96 5.48 28.24
N VAL A 6 -6.63 5.44 28.23
CA VAL A 6 -5.90 6.35 27.35
C VAL A 6 -6.10 5.95 25.90
N LEU A 7 -6.04 4.65 25.62
CA LEU A 7 -6.23 4.19 24.25
C LEU A 7 -7.65 4.50 23.75
N TYR A 8 -8.62 4.48 24.67
CA TYR A 8 -10.01 4.71 24.32
C TYR A 8 -10.26 6.09 23.71
N ALA A 9 -9.55 7.10 24.21
CA ALA A 9 -9.68 8.46 23.71
C ALA A 9 -9.46 8.44 22.21
N GLU A 10 -8.39 7.78 21.77
CA GLU A 10 -8.10 7.68 20.34
C GLU A 10 -9.14 6.84 19.62
N HIS A 11 -9.67 5.84 20.31
CA HIS A 11 -10.68 4.98 19.73
C HIS A 11 -11.85 5.87 19.30
N ILE A 12 -12.32 6.70 20.23
CA ILE A 12 -13.44 7.61 19.97
C ILE A 12 -13.10 8.59 18.82
N ALA A 13 -11.90 9.15 18.87
CA ALA A 13 -11.47 10.08 17.83
C ALA A 13 -11.56 9.37 16.46
N THR A 14 -11.08 8.13 16.41
CA THR A 14 -11.12 7.36 15.17
C THR A 14 -12.55 7.14 14.67
N LEU A 15 -13.46 6.73 15.54
CA LEU A 15 -14.84 6.49 15.11
C LEU A 15 -15.50 7.80 14.71
N GLN A 16 -15.11 8.87 15.39
CA GLN A 16 -15.64 10.20 15.10
C GLN A 16 -15.24 10.62 13.69
N LYS A 17 -13.97 10.45 13.37
CA LYS A 17 -13.46 10.82 12.06
C LYS A 17 -14.17 9.99 11.00
N ARG A 18 -14.27 8.69 11.24
CA ARG A 18 -14.93 7.80 10.29
C ARG A 18 -16.38 8.25 10.10
N THR A 19 -17.02 8.66 11.19
CA THR A 19 -18.40 9.11 11.08
C THR A 19 -18.53 10.39 10.23
N ARG A 20 -17.65 11.36 10.46
CA ARG A 20 -17.69 12.61 9.69
C ARG A 20 -17.58 12.34 8.19
N GLU A 21 -16.62 11.49 7.81
CA GLU A 21 -16.41 11.17 6.41
C GLU A 21 -17.64 10.58 5.74
N ILE A 22 -18.22 9.56 6.37
CA ILE A 22 -19.38 8.91 5.78
C ILE A 22 -20.66 9.75 5.69
N ILE A 23 -20.99 10.53 6.72
CA ILE A 23 -22.22 11.31 6.63
C ILE A 23 -22.09 12.41 5.56
N GLU A 24 -20.87 12.84 5.29
CA GLU A 24 -20.66 13.85 4.26
C GLU A 24 -20.82 13.21 2.89
N ARG A 25 -20.20 12.03 2.73
CA ARG A 25 -20.27 11.33 1.47
C ARG A 25 -21.71 10.93 1.13
N GLU A 26 -22.56 10.83 2.14
CA GLU A 26 -23.94 10.43 1.95
C GLU A 26 -24.95 11.54 2.29
N ASN A 27 -24.44 12.74 2.53
CA ASN A 27 -25.26 13.88 2.90
C ASN A 27 -26.25 13.56 4.01
N LEU A 28 -25.74 13.14 5.15
CA LEU A 28 -26.60 12.82 6.27
C LEU A 28 -26.32 13.79 7.42
N ASP A 29 -27.26 13.90 8.34
CA ASP A 29 -27.10 14.78 9.48
C ASP A 29 -26.42 13.99 10.60
N GLY A 30 -26.53 12.67 10.54
CA GLY A 30 -25.91 11.84 11.56
C GLY A 30 -26.27 10.38 11.42
N VAL A 31 -25.79 9.58 12.36
CA VAL A 31 -26.03 8.14 12.38
C VAL A 31 -26.49 7.72 13.77
N VAL A 32 -27.54 6.90 13.81
CA VAL A 32 -28.09 6.40 15.06
C VAL A 32 -27.93 4.88 15.19
N PHE A 33 -27.20 4.46 16.22
CA PHE A 33 -26.93 3.05 16.48
C PHE A 33 -27.78 2.58 17.65
N HIS A 34 -28.60 1.56 17.38
CA HIS A 34 -29.53 0.99 18.36
C HIS A 34 -28.96 -0.33 18.87
N SER A 35 -28.70 -0.40 20.17
CA SER A 35 -28.14 -1.60 20.78
C SER A 35 -29.00 -2.85 20.54
N GLY A 36 -30.31 -2.65 20.42
CA GLY A 36 -31.22 -3.77 20.17
C GLY A 36 -32.26 -3.98 21.25
N GLN A 37 -32.87 -5.16 21.26
CA GLN A 37 -33.87 -5.49 22.28
C GLN A 37 -33.76 -6.97 22.62
N ALA A 38 -34.46 -7.38 23.67
CA ALA A 38 -34.46 -8.77 24.05
C ALA A 38 -35.61 -9.40 23.24
N LYS A 39 -35.36 -10.60 22.75
CA LYS A 39 -36.36 -11.30 21.96
C LYS A 39 -37.14 -12.22 22.89
N ARG A 40 -38.47 -12.14 22.81
CA ARG A 40 -39.35 -12.95 23.64
C ARG A 40 -39.63 -14.29 22.96
N GLN A 41 -39.61 -15.36 23.73
CA GLN A 41 -39.88 -16.68 23.19
C GLN A 41 -41.38 -16.80 22.85
N PHE A 42 -41.66 -17.47 21.74
CA PHE A 42 -43.03 -17.64 21.25
C PHE A 42 -43.99 -18.15 22.32
N LEU A 43 -45.12 -17.45 22.49
CA LEU A 43 -46.15 -17.83 23.47
C LEU A 43 -45.67 -17.92 24.91
N ASP A 44 -44.49 -17.39 25.18
CA ASP A 44 -43.94 -17.47 26.53
C ASP A 44 -43.65 -16.08 27.08
N ASP A 45 -43.24 -16.02 28.33
CA ASP A 45 -42.91 -14.74 28.92
C ASP A 45 -41.43 -14.74 29.27
N MET A 46 -40.70 -15.63 28.60
CA MET A 46 -39.25 -15.74 28.78
C MET A 46 -38.63 -15.12 27.54
N TYR A 47 -37.36 -14.76 27.65
CA TYR A 47 -36.65 -14.14 26.55
C TYR A 47 -35.39 -14.89 26.21
N TYR A 48 -34.95 -14.75 24.96
CA TYR A 48 -33.71 -15.35 24.52
C TYR A 48 -32.62 -14.47 25.11
N PRO A 49 -31.42 -15.01 25.35
CA PRO A 49 -30.37 -14.14 25.91
C PRO A 49 -30.10 -12.97 24.95
N PHE A 50 -29.85 -11.79 25.52
CA PHE A 50 -29.61 -10.59 24.75
C PHE A 50 -28.27 -10.61 24.00
N LYS A 51 -28.30 -10.17 22.74
CA LYS A 51 -27.09 -10.09 21.89
C LYS A 51 -27.08 -8.69 21.29
N VAL A 52 -26.10 -7.89 21.70
CA VAL A 52 -26.00 -6.52 21.24
C VAL A 52 -25.68 -6.36 19.77
N ASN A 53 -26.21 -5.29 19.17
CA ASN A 53 -25.94 -4.95 17.78
C ASN A 53 -24.42 -4.70 17.71
N PRO A 54 -23.69 -5.44 16.87
CA PRO A 54 -22.23 -5.25 16.77
C PRO A 54 -21.86 -3.78 16.49
N GLN A 55 -22.64 -3.16 15.61
CA GLN A 55 -22.44 -1.77 15.20
C GLN A 55 -22.61 -0.78 16.37
N PHE A 56 -23.24 -1.24 17.46
CA PHE A 56 -23.41 -0.37 18.63
C PHE A 56 -22.24 -0.57 19.60
N LYS A 57 -21.87 -1.81 19.84
CA LYS A 57 -20.76 -2.06 20.76
C LYS A 57 -19.41 -1.67 20.16
N ALA A 58 -19.40 -1.35 18.86
CA ALA A 58 -18.17 -0.92 18.21
C ALA A 58 -17.69 0.36 18.87
N TRP A 59 -18.62 1.13 19.43
CA TRP A 59 -18.32 2.41 20.08
C TRP A 59 -17.89 2.35 21.53
N LEU A 60 -18.50 1.45 22.29
CA LEU A 60 -18.22 1.37 23.72
C LEU A 60 -18.53 -0.04 24.24
N PRO A 61 -17.91 -0.43 25.37
CA PRO A 61 -18.13 -1.75 25.96
C PRO A 61 -19.42 -1.95 26.78
N VAL A 62 -20.57 -1.60 26.21
CA VAL A 62 -21.86 -1.80 26.87
C VAL A 62 -22.50 -2.88 26.01
N ILE A 63 -22.41 -4.13 26.43
CA ILE A 63 -22.94 -5.24 25.62
C ILE A 63 -24.09 -6.07 26.19
N ASP A 64 -24.60 -5.70 27.35
CA ASP A 64 -25.67 -6.43 28.00
C ASP A 64 -26.86 -5.53 28.28
N ASN A 65 -27.00 -4.44 27.52
CA ASN A 65 -28.06 -3.49 27.75
C ASN A 65 -28.85 -3.15 26.50
N PRO A 66 -30.11 -3.62 26.44
CA PRO A 66 -30.97 -3.34 25.30
C PRO A 66 -31.49 -1.91 25.42
N HIS A 67 -32.20 -1.45 24.39
CA HIS A 67 -32.80 -0.14 24.41
C HIS A 67 -31.83 1.03 24.58
N CYS A 68 -30.61 0.87 24.09
CA CYS A 68 -29.61 1.93 24.18
C CYS A 68 -29.39 2.51 22.81
N TRP A 69 -29.25 3.83 22.74
CA TRP A 69 -29.07 4.49 21.47
C TRP A 69 -27.90 5.46 21.42
N ILE A 70 -27.14 5.39 20.33
CA ILE A 70 -26.04 6.29 20.11
C ILE A 70 -26.38 7.15 18.91
N VAL A 71 -26.32 8.47 19.08
CA VAL A 71 -26.59 9.35 17.94
C VAL A 71 -25.32 10.19 17.74
N ALA A 72 -24.75 10.08 16.55
CA ALA A 72 -23.50 10.77 16.24
C ALA A 72 -23.38 11.36 14.85
N ASN A 73 -22.51 12.36 14.73
CA ASN A 73 -22.24 13.00 13.44
C ASN A 73 -20.74 13.11 13.24
N GLY A 74 -19.97 12.75 14.26
CA GLY A 74 -18.52 12.80 14.12
C GLY A 74 -17.79 14.06 14.52
N THR A 75 -18.51 15.18 14.65
CA THR A 75 -17.86 16.42 15.05
C THR A 75 -18.34 16.76 16.46
N ASP A 76 -19.65 16.70 16.68
CA ASP A 76 -20.21 16.97 17.99
C ASP A 76 -19.99 15.75 18.89
N LYS A 77 -20.11 15.95 20.19
CA LYS A 77 -19.94 14.86 21.13
C LYS A 77 -21.05 13.83 20.91
N PRO A 78 -20.69 12.56 20.70
CA PRO A 78 -21.73 11.55 20.49
C PRO A 78 -22.70 11.45 21.67
N LYS A 79 -23.98 11.30 21.36
CA LYS A 79 -25.00 11.19 22.40
C LYS A 79 -25.24 9.72 22.71
N LEU A 80 -25.48 9.43 23.98
CA LEU A 80 -25.77 8.08 24.40
C LEU A 80 -27.00 8.02 25.28
N ILE A 81 -28.06 7.43 24.75
CA ILE A 81 -29.29 7.24 25.50
C ILE A 81 -29.04 5.89 26.12
N PHE A 82 -28.83 5.90 27.43
CA PHE A 82 -28.50 4.71 28.19
C PHE A 82 -29.68 4.20 29.01
N TYR A 83 -30.18 3.01 28.65
CA TYR A 83 -31.30 2.40 29.32
C TYR A 83 -30.95 2.02 30.75
N ARG A 84 -31.63 2.64 31.70
CA ARG A 84 -31.39 2.36 33.12
C ARG A 84 -32.74 2.43 33.82
N PRO A 85 -33.52 1.36 33.72
CA PRO A 85 -34.84 1.30 34.36
C PRO A 85 -34.70 1.27 35.86
N VAL A 86 -35.79 1.59 36.55
CA VAL A 86 -35.79 1.58 38.00
C VAL A 86 -37.02 0.84 38.47
N ASP A 87 -36.84 -0.07 39.42
CA ASP A 87 -37.93 -0.86 39.97
C ASP A 87 -37.30 -1.87 40.92
N PHE A 88 -38.05 -2.25 41.95
CA PHE A 88 -37.55 -3.20 42.94
C PHE A 88 -37.21 -4.56 42.37
N TRP A 89 -37.69 -4.85 41.16
CA TRP A 89 -37.45 -6.14 40.53
C TRP A 89 -35.99 -6.41 40.13
N HIS A 90 -35.40 -5.50 39.38
CA HIS A 90 -34.02 -5.70 38.94
C HIS A 90 -33.01 -4.82 39.67
N LYS A 91 -31.77 -5.31 39.79
CA LYS A 91 -30.72 -4.57 40.49
C LYS A 91 -30.31 -3.35 39.68
N VAL A 92 -30.49 -2.17 40.27
CA VAL A 92 -30.15 -0.93 39.58
C VAL A 92 -28.67 -0.57 39.75
N PRO A 93 -27.92 -0.56 38.65
CA PRO A 93 -26.49 -0.22 38.71
C PRO A 93 -26.34 1.29 38.79
N ASP A 94 -25.16 1.74 39.23
CA ASP A 94 -24.91 3.18 39.33
C ASP A 94 -24.93 3.75 37.92
N GLU A 95 -25.05 5.07 37.82
CA GLU A 95 -25.06 5.70 36.50
C GLU A 95 -23.68 5.48 35.91
N PRO A 96 -23.58 5.33 34.58
CA PRO A 96 -22.29 5.12 33.92
C PRO A 96 -21.22 6.04 34.52
N ASN A 97 -20.18 5.45 35.10
CA ASN A 97 -19.12 6.23 35.74
C ASN A 97 -17.72 5.72 35.44
N GLU A 98 -17.55 5.01 34.33
CA GLU A 98 -16.25 4.50 33.96
C GLU A 98 -15.62 5.46 32.96
N TYR A 99 -14.36 5.21 32.59
CA TYR A 99 -13.63 6.06 31.65
C TYR A 99 -14.37 6.41 30.35
N TRP A 100 -15.10 5.45 29.78
CA TRP A 100 -15.78 5.74 28.53
C TRP A 100 -16.98 6.68 28.68
N ALA A 101 -17.58 6.72 29.86
CA ALA A 101 -18.75 7.58 30.07
C ALA A 101 -18.48 9.04 29.71
N ASP A 102 -17.26 9.50 29.95
CA ASP A 102 -16.90 10.89 29.67
C ASP A 102 -16.95 11.29 28.20
N TYR A 103 -16.82 10.31 27.30
CA TYR A 103 -16.83 10.63 25.88
C TYR A 103 -18.22 10.77 25.26
N PHE A 104 -19.27 10.60 26.04
CA PHE A 104 -20.63 10.73 25.51
C PHE A 104 -21.48 11.73 26.27
N ASP A 105 -22.49 12.26 25.59
CA ASP A 105 -23.45 13.16 26.20
C ASP A 105 -24.55 12.15 26.56
N ILE A 106 -24.55 11.72 27.81
CA ILE A 106 -25.47 10.71 28.32
C ILE A 106 -26.84 11.12 28.84
N GLU A 107 -27.89 10.56 28.23
CA GLU A 107 -29.27 10.79 28.67
C GLU A 107 -29.73 9.44 29.20
N LEU A 108 -30.36 9.42 30.37
CA LEU A 108 -30.83 8.15 30.93
C LEU A 108 -32.25 7.85 30.46
N LEU A 109 -32.51 6.58 30.14
CA LEU A 109 -33.82 6.13 29.68
C LEU A 109 -34.39 5.15 30.71
N VAL A 110 -35.56 5.49 31.26
CA VAL A 110 -36.20 4.65 32.27
C VAL A 110 -37.21 3.67 31.72
N LYS A 111 -37.74 3.97 30.53
CA LYS A 111 -38.69 3.09 29.86
C LYS A 111 -38.38 3.13 28.38
N PRO A 112 -38.38 1.96 27.71
CA PRO A 112 -38.10 1.85 26.29
C PRO A 112 -38.92 2.75 25.37
N ASP A 113 -40.21 2.93 25.66
CA ASP A 113 -41.05 3.76 24.82
C ASP A 113 -40.96 5.26 25.09
N GLN A 114 -39.96 5.68 25.84
CA GLN A 114 -39.77 7.09 26.14
C GLN A 114 -38.52 7.62 25.44
N VAL A 115 -38.09 6.92 24.39
CA VAL A 115 -36.88 7.31 23.68
C VAL A 115 -37.08 8.36 22.60
N GLU A 116 -38.31 8.50 22.12
CA GLU A 116 -38.57 9.46 21.06
C GLU A 116 -38.22 10.91 21.41
N LYS A 117 -38.55 11.33 22.62
CA LYS A 117 -38.25 12.71 23.03
C LYS A 117 -36.75 12.97 23.27
N LEU A 118 -35.94 11.92 23.34
CA LEU A 118 -34.50 12.08 23.56
C LEU A 118 -33.70 12.05 22.27
N LEU A 119 -34.34 11.66 21.17
CA LEU A 119 -33.69 11.58 19.88
C LEU A 119 -33.80 12.91 19.11
N PRO A 120 -33.16 13.03 17.94
CA PRO A 120 -33.25 14.28 17.17
C PRO A 120 -34.71 14.62 16.86
N TYR A 121 -35.01 15.91 16.80
CA TYR A 121 -36.37 16.38 16.50
C TYR A 121 -36.73 15.93 15.08
N ASP A 122 -35.82 16.13 14.13
CA ASP A 122 -36.05 15.72 12.76
C ASP A 122 -35.15 14.53 12.45
N LYS A 123 -35.73 13.32 12.46
CA LYS A 123 -34.99 12.08 12.24
C LYS A 123 -34.74 11.70 10.78
N ALA A 124 -35.48 12.31 9.87
CA ALA A 124 -35.38 12.02 8.44
C ALA A 124 -33.98 11.85 7.88
N ARG A 125 -33.06 12.74 8.24
CA ARG A 125 -31.71 12.64 7.70
C ARG A 125 -30.72 11.84 8.55
N PHE A 126 -31.23 11.15 9.57
CA PHE A 126 -30.38 10.33 10.41
C PHE A 126 -30.54 8.87 10.01
N ALA A 127 -29.43 8.23 9.63
CA ALA A 127 -29.47 6.84 9.24
C ALA A 127 -29.65 5.95 10.49
N TYR A 128 -30.65 5.09 10.47
CA TYR A 128 -30.89 4.17 11.58
C TYR A 128 -30.12 2.89 11.35
N ILE A 129 -29.19 2.59 12.26
CA ILE A 129 -28.38 1.37 12.16
C ILE A 129 -28.85 0.44 13.26
N GLY A 130 -29.70 -0.52 12.91
CA GLY A 130 -30.22 -1.44 13.90
C GLY A 130 -31.11 -2.51 13.33
N GLU A 131 -31.52 -3.44 14.19
CA GLU A 131 -32.34 -4.56 13.79
C GLU A 131 -33.87 -4.29 13.76
N TYR A 132 -34.31 -3.35 14.58
CA TYR A 132 -35.74 -3.08 14.70
C TYR A 132 -36.35 -2.05 13.77
N LEU A 133 -36.38 -2.39 12.49
CA LEU A 133 -36.91 -1.50 11.46
C LEU A 133 -38.26 -0.90 11.81
N GLU A 134 -39.17 -1.76 12.27
CA GLU A 134 -40.52 -1.35 12.64
C GLU A 134 -40.49 -0.28 13.74
N VAL A 135 -39.69 -0.50 14.76
CA VAL A 135 -39.61 0.48 15.84
C VAL A 135 -38.97 1.77 15.32
N ALA A 136 -37.98 1.64 14.43
CA ALA A 136 -37.33 2.81 13.88
C ALA A 136 -38.31 3.64 13.04
N GLN A 137 -39.07 2.98 12.17
CA GLN A 137 -40.03 3.67 11.33
C GLN A 137 -41.09 4.40 12.15
N ALA A 138 -41.54 3.79 13.25
CA ALA A 138 -42.55 4.41 14.10
C ALA A 138 -41.96 5.69 14.74
N LEU A 139 -40.68 5.67 15.05
CA LEU A 139 -40.02 6.82 15.66
C LEU A 139 -39.83 7.94 14.62
N GLY A 140 -39.93 7.59 13.35
CA GLY A 140 -39.78 8.60 12.31
C GLY A 140 -38.59 8.41 11.38
N PHE A 141 -37.74 7.43 11.66
CA PHE A 141 -36.58 7.19 10.80
C PHE A 141 -37.06 6.64 9.46
N GLU A 142 -36.32 6.92 8.40
CA GLU A 142 -36.68 6.48 7.07
C GLU A 142 -35.55 5.69 6.43
N LEU A 143 -34.32 6.10 6.69
CA LEU A 143 -33.15 5.43 6.14
C LEU A 143 -32.78 4.25 7.03
N MET A 144 -33.15 3.06 6.58
CA MET A 144 -32.90 1.83 7.33
C MET A 144 -31.60 1.15 6.90
N ASN A 145 -30.64 1.05 7.81
CA ASN A 145 -29.37 0.40 7.53
C ASN A 145 -28.91 0.65 6.08
N PRO A 146 -28.84 1.92 5.65
CA PRO A 146 -28.41 2.18 4.27
C PRO A 146 -27.10 1.45 3.94
N GLU A 147 -27.14 0.65 2.88
CA GLU A 147 -25.98 -0.15 2.45
C GLU A 147 -24.65 0.60 2.42
N PRO A 148 -24.62 1.79 1.79
CA PRO A 148 -23.34 2.50 1.77
C PRO A 148 -22.76 2.83 3.15
N VAL A 149 -23.61 3.05 4.14
CA VAL A 149 -23.14 3.34 5.49
C VAL A 149 -22.66 2.06 6.17
N MET A 150 -23.39 0.96 5.95
CA MET A 150 -23.02 -0.32 6.53
C MET A 150 -21.64 -0.74 6.00
N ASN A 151 -21.49 -0.69 4.69
CA ASN A 151 -20.24 -1.08 4.04
C ASN A 151 -19.05 -0.25 4.52
N PHE A 152 -19.27 1.05 4.76
CA PHE A 152 -18.21 1.94 5.20
C PHE A 152 -17.65 1.53 6.57
N TYR A 153 -18.53 1.43 7.56
CA TYR A 153 -18.10 1.04 8.90
C TYR A 153 -17.52 -0.36 8.87
N HIS A 154 -18.16 -1.27 8.13
CA HIS A 154 -17.66 -2.63 8.07
C HIS A 154 -16.26 -2.66 7.50
N TYR A 155 -16.04 -1.96 6.39
CA TYR A 155 -14.71 -1.90 5.77
C TYR A 155 -13.66 -1.45 6.80
N HIS A 156 -13.94 -0.38 7.52
CA HIS A 156 -12.98 0.12 8.51
C HIS A 156 -12.83 -0.74 9.76
N ARG A 157 -13.81 -1.62 10.00
CA ARG A 157 -13.74 -2.50 11.16
C ARG A 157 -12.51 -3.42 11.04
N ALA A 158 -12.06 -3.65 9.81
CA ALA A 158 -10.89 -4.51 9.61
C ALA A 158 -9.62 -3.91 10.20
N TYR A 159 -9.60 -2.58 10.35
CA TYR A 159 -8.44 -1.89 10.91
C TYR A 159 -8.72 -1.54 12.36
N LYS A 160 -8.11 -2.31 13.27
CA LYS A 160 -8.29 -2.15 14.70
C LYS A 160 -7.55 -1.00 15.34
N THR A 161 -8.25 -0.23 16.18
CA THR A 161 -7.64 0.87 16.91
C THR A 161 -6.83 0.20 18.02
N GLN A 162 -5.95 0.96 18.65
CA GLN A 162 -5.13 0.39 19.72
C GLN A 162 -6.00 -0.11 20.86
N TYR A 163 -7.10 0.59 21.15
CA TYR A 163 -8.00 0.17 22.22
C TYR A 163 -8.55 -1.22 21.88
N GLU A 164 -8.91 -1.42 20.61
CA GLU A 164 -9.46 -2.69 20.18
C GLU A 164 -8.46 -3.84 20.31
N LEU A 165 -7.21 -3.58 19.91
CA LEU A 165 -6.15 -4.58 19.99
C LEU A 165 -5.91 -4.96 21.45
N ALA A 166 -5.97 -3.96 22.33
CA ALA A 166 -5.76 -4.20 23.74
C ALA A 166 -6.92 -5.10 24.24
N CYS A 167 -8.16 -4.75 23.88
CA CYS A 167 -9.31 -5.56 24.29
C CYS A 167 -9.14 -6.98 23.82
N MET A 168 -8.74 -7.15 22.56
CA MET A 168 -8.53 -8.49 22.02
C MET A 168 -7.40 -9.27 22.71
N ARG A 169 -6.41 -8.56 23.25
CA ARG A 169 -5.34 -9.27 23.96
C ARG A 169 -5.97 -9.86 25.23
N GLU A 170 -6.85 -9.09 25.86
CA GLU A 170 -7.49 -9.53 27.08
C GLU A 170 -8.39 -10.75 26.84
N ALA A 171 -9.15 -10.74 25.76
CA ALA A 171 -10.01 -11.88 25.45
C ALA A 171 -9.17 -13.13 25.24
N ASN A 172 -8.04 -12.96 24.56
CA ASN A 172 -7.16 -14.10 24.30
C ASN A 172 -6.58 -14.63 25.60
N LYS A 173 -6.27 -13.71 26.52
CA LYS A 173 -5.72 -14.08 27.81
C LYS A 173 -6.70 -14.89 28.64
N ILE A 174 -7.98 -14.53 28.57
CA ILE A 174 -8.99 -15.25 29.34
C ILE A 174 -9.20 -16.62 28.70
N ALA A 175 -9.35 -16.65 27.39
CA ALA A 175 -9.56 -17.90 26.68
C ALA A 175 -8.43 -18.90 26.93
N VAL A 176 -7.19 -18.42 26.90
CA VAL A 176 -6.04 -19.31 27.13
C VAL A 176 -6.11 -20.01 28.49
N GLN A 177 -6.46 -19.26 29.53
CA GLN A 177 -6.61 -19.83 30.87
C GLN A 177 -7.58 -20.99 30.79
N GLY A 178 -8.62 -20.81 29.99
CA GLY A 178 -9.63 -21.85 29.85
C GLY A 178 -9.14 -23.05 29.07
N HIS A 179 -8.41 -22.81 27.99
CA HIS A 179 -7.89 -23.89 27.16
C HIS A 179 -6.94 -24.80 27.91
N LYS A 180 -6.22 -24.23 28.88
CA LYS A 180 -5.28 -25.00 29.70
C LYS A 180 -6.04 -25.88 30.70
N ALA A 181 -7.06 -25.30 31.34
CA ALA A 181 -7.85 -26.05 32.30
C ALA A 181 -8.59 -27.16 31.56
N ALA A 182 -9.07 -26.86 30.36
CA ALA A 182 -9.78 -27.85 29.57
C ALA A 182 -8.81 -28.96 29.17
N ARG A 183 -7.56 -28.57 28.93
CA ARG A 183 -6.52 -29.51 28.53
C ARG A 183 -6.29 -30.50 29.67
N ASP A 184 -6.04 -29.97 30.87
CA ASP A 184 -5.81 -30.82 32.03
C ASP A 184 -6.96 -31.78 32.24
N ALA A 185 -8.18 -31.28 32.11
CA ALA A 185 -9.36 -32.12 32.31
C ALA A 185 -9.41 -33.29 31.35
N PHE A 186 -8.96 -33.07 30.12
CA PHE A 186 -8.95 -34.13 29.12
C PHE A 186 -8.00 -35.25 29.55
N PHE A 187 -6.83 -34.87 30.02
CA PHE A 187 -5.84 -35.84 30.45
C PHE A 187 -6.26 -36.57 31.72
N GLN A 188 -7.26 -36.04 32.40
CA GLN A 188 -7.77 -36.69 33.61
C GLN A 188 -8.90 -37.64 33.23
N GLY A 189 -9.18 -37.71 31.93
CA GLY A 189 -10.22 -38.61 31.45
C GLY A 189 -11.66 -38.15 31.63
N LYS A 190 -11.86 -36.86 31.82
CA LYS A 190 -13.21 -36.31 32.00
C LYS A 190 -14.03 -36.38 30.71
N SER A 191 -15.34 -36.21 30.83
CA SER A 191 -16.21 -36.26 29.66
C SER A 191 -16.20 -34.91 28.93
N GLU A 192 -16.75 -34.90 27.71
CA GLU A 192 -16.80 -33.66 26.95
C GLU A 192 -17.50 -32.60 27.81
N PHE A 193 -18.63 -32.99 28.42
CA PHE A 193 -19.40 -32.08 29.26
C PHE A 193 -18.54 -31.53 30.38
N GLU A 194 -17.86 -32.42 31.09
CA GLU A 194 -17.02 -32.01 32.20
C GLU A 194 -15.90 -31.09 31.77
N ILE A 195 -15.35 -31.36 30.59
CA ILE A 195 -14.28 -30.54 30.04
C ILE A 195 -14.84 -29.14 29.77
N GLN A 196 -16.04 -29.07 29.21
CA GLN A 196 -16.67 -27.79 28.95
C GLN A 196 -16.85 -27.01 30.25
N GLN A 197 -17.29 -27.68 31.33
CA GLN A 197 -17.49 -27.01 32.63
C GLN A 197 -16.20 -26.42 33.16
N ALA A 198 -15.10 -27.15 33.02
CA ALA A 198 -13.81 -26.68 33.48
C ALA A 198 -13.42 -25.40 32.70
N TYR A 199 -13.61 -25.42 31.40
CA TYR A 199 -13.27 -24.25 30.57
C TYR A 199 -14.00 -23.01 31.05
N LEU A 200 -15.31 -23.17 31.26
CA LEU A 200 -16.16 -22.07 31.72
C LEU A 200 -15.73 -21.55 33.07
N LEU A 201 -15.36 -22.46 33.97
CA LEU A 201 -14.93 -22.08 35.30
C LEU A 201 -13.64 -21.28 35.24
N ALA A 202 -12.68 -21.80 34.48
CA ALA A 202 -11.38 -21.13 34.35
C ALA A 202 -11.49 -19.75 33.72
N THR A 203 -12.44 -19.57 32.80
CA THR A 203 -12.60 -18.28 32.13
C THR A 203 -13.66 -17.43 32.81
N GLN A 204 -14.27 -17.98 33.84
CA GLN A 204 -15.31 -17.26 34.54
C GLN A 204 -16.37 -16.79 33.53
N HIS A 205 -16.60 -17.61 32.53
CA HIS A 205 -17.61 -17.28 31.53
C HIS A 205 -18.84 -18.15 31.71
N SER A 206 -20.01 -17.55 31.52
CA SER A 206 -21.26 -18.30 31.54
C SER A 206 -21.35 -18.73 30.09
N GLU A 207 -22.04 -19.83 29.81
CA GLU A 207 -22.17 -20.30 28.43
C GLU A 207 -22.56 -19.15 27.48
N ASN A 208 -23.56 -18.36 27.86
CA ASN A 208 -23.96 -17.28 26.97
C ASN A 208 -22.97 -16.11 26.85
N ASP A 209 -21.90 -16.12 27.66
CA ASP A 209 -20.89 -15.06 27.57
C ASP A 209 -19.84 -15.36 26.50
N ASN A 210 -19.65 -16.60 26.07
CA ASN A 210 -18.63 -16.75 25.03
C ASN A 210 -19.12 -16.36 23.69
N PRO A 211 -18.16 -16.04 22.87
CA PRO A 211 -18.40 -15.51 21.58
C PRO A 211 -19.07 -16.42 20.58
N TYR A 212 -19.03 -17.72 20.81
CA TYR A 212 -19.67 -18.68 19.90
C TYR A 212 -19.82 -19.98 20.66
N GLY A 213 -20.55 -20.94 20.10
CA GLY A 213 -20.73 -22.19 20.80
C GLY A 213 -19.44 -23.00 20.85
N ASN A 214 -18.93 -23.24 22.04
CA ASN A 214 -17.70 -24.00 22.18
C ASN A 214 -17.83 -25.40 21.55
N ILE A 215 -16.73 -25.87 21.00
CA ILE A 215 -16.66 -27.21 20.43
C ILE A 215 -15.70 -27.95 21.34
N VAL A 216 -16.21 -28.91 22.10
CA VAL A 216 -15.41 -29.73 23.02
C VAL A 216 -15.65 -31.15 22.52
N ALA A 217 -14.76 -31.61 21.64
CA ALA A 217 -14.89 -32.92 21.02
C ALA A 217 -13.88 -33.95 21.47
N LEU A 218 -14.34 -35.20 21.53
CA LEU A 218 -13.51 -36.32 21.94
C LEU A 218 -13.52 -37.41 20.88
N ASN A 219 -12.36 -38.03 20.65
CA ASN A 219 -12.21 -39.10 19.67
C ASN A 219 -12.90 -38.83 18.33
N GLU A 220 -13.71 -39.78 17.84
CA GLU A 220 -14.39 -39.62 16.54
C GLU A 220 -15.14 -38.31 16.37
N ASN A 221 -15.54 -37.67 17.47
CA ASN A 221 -16.27 -36.41 17.37
C ASN A 221 -15.38 -35.30 16.80
N CYS A 222 -14.08 -35.40 17.01
CA CYS A 222 -13.14 -34.41 16.50
C CYS A 222 -13.27 -34.22 15.00
N ALA A 223 -13.94 -35.16 14.35
CA ALA A 223 -14.12 -35.11 12.90
C ALA A 223 -15.39 -34.37 12.50
N ILE A 224 -16.18 -33.98 13.48
CA ILE A 224 -17.43 -33.25 13.21
C ILE A 224 -17.11 -31.76 13.36
N LEU A 225 -17.06 -31.06 12.24
CA LEU A 225 -16.74 -29.64 12.21
C LEU A 225 -17.66 -28.73 13.03
N HIS A 226 -18.97 -28.88 12.84
CA HIS A 226 -19.95 -28.08 13.59
C HIS A 226 -20.47 -28.95 14.73
N TYR A 227 -19.56 -29.41 15.59
CA TYR A 227 -19.98 -30.26 16.71
C TYR A 227 -20.43 -29.39 17.86
N THR A 228 -21.74 -29.42 18.13
CA THR A 228 -22.32 -28.59 19.17
C THR A 228 -22.54 -29.26 20.53
N HIS A 229 -22.95 -30.53 20.51
CA HIS A 229 -23.25 -31.27 21.73
C HIS A 229 -22.06 -31.63 22.64
N PHE A 230 -22.37 -31.95 23.89
CA PHE A 230 -21.37 -32.35 24.88
C PHE A 230 -21.79 -33.67 25.55
N ASP A 231 -21.15 -34.77 25.20
CA ASP A 231 -21.50 -36.05 25.82
C ASP A 231 -21.30 -35.97 27.33
N ARG A 232 -22.27 -36.47 28.09
CA ARG A 232 -22.20 -36.45 29.55
C ARG A 232 -21.42 -37.67 30.06
N VAL A 233 -21.34 -38.70 29.22
CA VAL A 233 -20.61 -39.92 29.58
C VAL A 233 -19.24 -39.93 28.93
N ALA A 234 -18.20 -40.11 29.75
CA ALA A 234 -16.84 -40.16 29.24
C ALA A 234 -16.66 -41.40 28.37
N PRO A 235 -15.80 -41.32 27.35
CA PRO A 235 -15.56 -42.47 26.47
C PRO A 235 -14.82 -43.58 27.23
N ALA A 236 -15.01 -44.82 26.80
CA ALA A 236 -14.35 -45.95 27.45
C ALA A 236 -12.84 -45.75 27.34
N THR A 237 -12.39 -45.30 26.17
CA THR A 237 -10.98 -45.07 25.93
C THR A 237 -10.77 -43.64 25.41
N HIS A 238 -9.77 -42.95 25.94
CA HIS A 238 -9.46 -41.59 25.50
C HIS A 238 -8.34 -41.58 24.48
N ARG A 239 -8.65 -41.16 23.25
CA ARG A 239 -7.67 -41.11 22.19
C ARG A 239 -7.30 -39.68 21.78
N SER A 240 -8.28 -38.92 21.32
CA SER A 240 -8.04 -37.56 20.89
C SER A 240 -8.95 -36.51 21.52
N PHE A 241 -8.48 -35.26 21.54
CA PHE A 241 -9.22 -34.14 22.08
C PHE A 241 -9.08 -32.89 21.22
N LEU A 242 -10.20 -32.32 20.84
CA LEU A 242 -10.21 -31.12 20.03
C LEU A 242 -11.15 -30.10 20.67
N ILE A 243 -10.59 -28.97 21.06
CA ILE A 243 -11.40 -27.94 21.65
C ILE A 243 -11.21 -26.59 20.96
N ASP A 244 -12.31 -26.11 20.39
CA ASP A 244 -12.35 -24.82 19.73
C ASP A 244 -13.24 -23.99 20.65
N ALA A 245 -12.64 -23.09 21.43
CA ALA A 245 -13.38 -22.25 22.36
C ALA A 245 -12.73 -20.88 22.49
N GLY A 246 -13.52 -19.87 22.82
CA GLY A 246 -13.00 -18.54 22.94
C GLY A 246 -13.44 -17.81 24.20
N ALA A 247 -13.45 -16.49 24.13
CA ALA A 247 -13.83 -15.68 25.27
C ALA A 247 -14.12 -14.29 24.78
N ASN A 248 -14.74 -13.51 25.66
CA ASN A 248 -15.09 -12.16 25.32
C ASN A 248 -14.48 -11.17 26.29
N PHE A 249 -14.21 -9.97 25.79
CA PHE A 249 -13.75 -8.86 26.61
C PHE A 249 -14.21 -7.59 25.93
N ASN A 250 -15.07 -6.84 26.60
CA ASN A 250 -15.60 -5.59 26.05
C ASN A 250 -16.23 -5.76 24.68
N GLY A 251 -16.71 -6.97 24.40
CA GLY A 251 -17.34 -7.18 23.11
C GLY A 251 -16.42 -7.78 22.05
N TYR A 252 -15.12 -7.90 22.35
CA TYR A 252 -14.20 -8.46 21.38
C TYR A 252 -13.97 -9.94 21.67
N ALA A 253 -13.86 -10.73 20.61
CA ALA A 253 -13.71 -12.17 20.72
C ALA A 253 -12.30 -12.73 20.49
N ALA A 254 -12.10 -13.92 21.04
CA ALA A 254 -10.90 -14.71 20.86
C ALA A 254 -11.53 -15.95 20.20
N ASP A 255 -10.75 -16.67 19.39
CA ASP A 255 -11.25 -17.84 18.71
C ASP A 255 -10.07 -18.79 18.54
N ILE A 256 -9.92 -19.67 19.51
CA ILE A 256 -8.82 -20.61 19.57
C ILE A 256 -9.18 -22.10 19.51
N THR A 257 -8.35 -22.87 18.82
CA THR A 257 -8.54 -24.31 18.71
C THR A 257 -7.23 -25.02 19.03
N ARG A 258 -7.33 -26.19 19.66
CA ARG A 258 -6.17 -27.01 19.98
C ARG A 258 -6.58 -28.48 19.94
N THR A 259 -5.73 -29.31 19.35
CA THR A 259 -5.99 -30.74 19.25
C THR A 259 -4.88 -31.47 20.00
N TYR A 260 -5.25 -32.47 20.79
CA TYR A 260 -4.25 -33.21 21.55
C TYR A 260 -4.40 -34.72 21.41
N ASP A 261 -3.31 -35.41 21.73
CA ASP A 261 -3.27 -36.87 21.70
C ASP A 261 -3.24 -37.22 23.18
N PHE A 262 -4.02 -38.22 23.59
CA PHE A 262 -4.06 -38.60 24.99
C PHE A 262 -2.73 -39.11 25.56
N THR A 263 -2.01 -39.91 24.80
CA THR A 263 -0.74 -40.48 25.24
C THR A 263 0.50 -39.65 24.98
N GLY A 264 0.53 -38.95 23.85
CA GLY A 264 1.68 -38.13 23.51
C GLY A 264 2.67 -38.95 22.68
N GLU A 265 2.24 -40.14 22.27
CA GLU A 265 3.07 -41.04 21.47
C GLU A 265 2.22 -41.77 20.44
N GLY A 266 2.78 -42.00 19.26
CA GLY A 266 2.02 -42.70 18.23
C GLY A 266 1.81 -41.90 16.95
N GLU A 267 1.24 -42.55 15.94
CA GLU A 267 0.97 -41.90 14.67
C GLU A 267 0.24 -40.56 14.84
N PHE A 268 -1.01 -40.63 15.30
CA PHE A 268 -1.83 -39.43 15.50
C PHE A 268 -1.07 -38.32 16.22
N ALA A 269 -0.41 -38.67 17.32
CA ALA A 269 0.36 -37.71 18.10
C ALA A 269 1.43 -37.07 17.22
N GLU A 270 1.98 -37.85 16.29
CA GLU A 270 3.01 -37.35 15.39
C GLU A 270 2.35 -36.45 14.36
N LEU A 271 1.20 -36.86 13.87
CA LEU A 271 0.44 -36.10 12.88
C LEU A 271 0.16 -34.71 13.46
N VAL A 272 -0.28 -34.68 14.72
CA VAL A 272 -0.57 -33.43 15.40
C VAL A 272 0.67 -32.55 15.42
N ALA A 273 1.78 -33.12 15.90
CA ALA A 273 3.05 -32.39 15.99
C ALA A 273 3.46 -31.78 14.64
N THR A 274 3.11 -32.46 13.56
CA THR A 274 3.44 -31.96 12.23
C THR A 274 2.53 -30.77 11.92
N MET A 275 1.21 -30.99 12.04
CA MET A 275 0.23 -29.95 11.79
C MET A 275 0.60 -28.67 12.52
N LYS A 276 1.08 -28.81 13.75
CA LYS A 276 1.48 -27.65 14.53
C LYS A 276 2.57 -26.89 13.77
N GLN A 277 3.59 -27.60 13.32
CA GLN A 277 4.68 -26.98 12.57
C GLN A 277 4.14 -26.28 11.33
N HIS A 278 3.28 -26.96 10.59
CA HIS A 278 2.69 -26.37 9.40
C HIS A 278 1.89 -25.14 9.78
N GLN A 279 1.17 -25.24 10.88
CA GLN A 279 0.33 -24.17 11.38
C GLN A 279 1.17 -22.94 11.72
N ILE A 280 2.28 -23.14 12.42
CA ILE A 280 3.14 -22.03 12.78
C ILE A 280 3.80 -21.40 11.54
N ALA A 281 4.20 -22.23 10.60
CA ALA A 281 4.83 -21.73 9.38
C ALA A 281 3.84 -20.91 8.57
N LEU A 282 2.55 -21.19 8.75
CA LEU A 282 1.53 -20.43 8.04
C LEU A 282 1.34 -19.09 8.72
N MET A 283 1.33 -19.09 10.05
CA MET A 283 1.19 -17.86 10.83
C MET A 283 2.35 -16.97 10.44
N ASN A 284 3.53 -17.58 10.31
CA ASN A 284 4.75 -16.86 9.96
C ASN A 284 4.74 -16.19 8.59
N GLN A 285 3.83 -16.62 7.71
CA GLN A 285 3.72 -16.06 6.37
C GLN A 285 2.80 -14.84 6.28
N LEU A 286 2.24 -14.42 7.42
CA LEU A 286 1.36 -13.25 7.45
C LEU A 286 2.25 -12.00 7.36
N ALA A 287 1.86 -11.05 6.53
CA ALA A 287 2.63 -9.82 6.36
C ALA A 287 1.83 -8.84 5.53
N PRO A 288 1.96 -7.53 5.81
CA PRO A 288 1.20 -6.56 5.03
C PRO A 288 1.51 -6.73 3.53
N GLY A 289 0.49 -6.64 2.70
CA GLY A 289 0.69 -6.80 1.26
C GLY A 289 0.52 -8.24 0.79
N LYS A 290 0.67 -9.19 1.69
CA LYS A 290 0.52 -10.60 1.32
C LYS A 290 -0.92 -10.91 0.92
N LEU A 291 -1.08 -11.73 -0.11
CA LEU A 291 -2.41 -12.12 -0.58
C LEU A 291 -2.84 -13.37 0.19
N TYR A 292 -4.02 -13.30 0.81
CA TYR A 292 -4.54 -14.43 1.57
C TYR A 292 -4.50 -15.69 0.69
N GLY A 293 -4.71 -15.50 -0.61
CA GLY A 293 -4.70 -16.61 -1.54
C GLY A 293 -3.43 -17.46 -1.48
N GLU A 294 -2.28 -16.80 -1.37
CA GLU A 294 -1.01 -17.52 -1.29
C GLU A 294 -0.99 -18.40 -0.05
N LEU A 295 -1.41 -17.82 1.07
CA LEU A 295 -1.46 -18.54 2.34
C LEU A 295 -2.34 -19.77 2.22
N HIS A 296 -3.48 -19.58 1.58
CA HIS A 296 -4.45 -20.66 1.40
C HIS A 296 -3.88 -21.79 0.53
N LEU A 297 -3.37 -21.43 -0.64
CA LEU A 297 -2.80 -22.40 -1.55
C LEU A 297 -1.66 -23.14 -0.86
N ASP A 298 -0.90 -22.41 -0.04
CA ASP A 298 0.22 -23.00 0.68
C ASP A 298 -0.25 -24.01 1.72
N CYS A 299 -1.38 -23.71 2.37
CA CYS A 299 -1.90 -24.62 3.39
C CYS A 299 -2.26 -25.97 2.78
N HIS A 300 -2.96 -25.95 1.65
CA HIS A 300 -3.34 -27.20 0.98
C HIS A 300 -2.10 -27.98 0.60
N GLN A 301 -1.04 -27.25 0.26
CA GLN A 301 0.24 -27.86 -0.10
C GLN A 301 0.79 -28.60 1.10
N ARG A 302 0.85 -27.93 2.25
CA ARG A 302 1.35 -28.53 3.49
C ARG A 302 0.52 -29.76 3.82
N VAL A 303 -0.78 -29.66 3.64
CA VAL A 303 -1.69 -30.77 3.92
C VAL A 303 -1.34 -31.97 3.06
N ALA A 304 -1.11 -31.72 1.77
CA ALA A 304 -0.75 -32.77 0.83
C ALA A 304 0.59 -33.40 1.25
N GLN A 305 1.52 -32.57 1.70
CA GLN A 305 2.82 -33.04 2.15
C GLN A 305 2.67 -33.88 3.40
N THR A 306 1.58 -33.65 4.13
CA THR A 306 1.33 -34.38 5.36
C THR A 306 0.70 -35.72 5.01
N LEU A 307 -0.27 -35.69 4.10
CA LEU A 307 -0.95 -36.90 3.66
C LEU A 307 0.02 -37.83 2.97
N SER A 308 0.95 -37.26 2.22
CA SER A 308 1.96 -38.03 1.50
C SER A 308 2.95 -38.69 2.45
N ASP A 309 3.54 -37.89 3.34
CA ASP A 309 4.53 -38.40 4.29
C ASP A 309 4.00 -39.38 5.32
N PHE A 310 2.71 -39.28 5.65
CA PHE A 310 2.15 -40.21 6.62
C PHE A 310 1.51 -41.40 5.94
N ASN A 311 1.81 -41.55 4.66
CA ASN A 311 1.29 -42.67 3.86
C ASN A 311 -0.22 -42.81 3.97
N ILE A 312 -0.91 -41.68 4.11
CA ILE A 312 -2.36 -41.68 4.20
C ILE A 312 -2.86 -41.72 2.77
N VAL A 313 -2.00 -41.24 1.87
CA VAL A 313 -2.29 -41.23 0.44
C VAL A 313 -1.00 -41.63 -0.26
N ASP A 314 -1.10 -42.64 -1.13
CA ASP A 314 0.08 -43.12 -1.86
C ASP A 314 0.32 -42.34 -3.13
N LEU A 315 0.75 -41.10 -2.98
CA LEU A 315 1.05 -40.20 -4.09
C LEU A 315 1.94 -39.09 -3.56
N SER A 316 2.51 -38.31 -4.47
CA SER A 316 3.37 -37.21 -4.07
C SER A 316 2.51 -36.00 -3.73
N ALA A 317 3.04 -35.13 -2.88
CA ALA A 317 2.33 -33.92 -2.47
C ALA A 317 1.71 -33.22 -3.66
N ASP A 318 2.56 -32.77 -4.59
CA ASP A 318 2.12 -32.06 -5.79
C ASP A 318 0.99 -32.75 -6.55
N GLU A 319 1.01 -34.07 -6.58
CA GLU A 319 -0.02 -34.83 -7.29
C GLU A 319 -1.29 -34.97 -6.46
N ILE A 320 -1.16 -34.89 -5.14
CA ILE A 320 -2.32 -34.97 -4.27
C ILE A 320 -3.11 -33.68 -4.52
N VAL A 321 -2.37 -32.58 -4.62
CA VAL A 321 -2.96 -31.28 -4.89
C VAL A 321 -3.51 -31.31 -6.31
N ALA A 322 -2.63 -31.64 -7.25
CA ALA A 322 -2.97 -31.71 -8.66
C ALA A 322 -4.30 -32.43 -8.88
N LYS A 323 -4.42 -33.64 -8.32
CA LYS A 323 -5.65 -34.41 -8.47
C LYS A 323 -6.81 -33.81 -7.67
N GLY A 324 -6.49 -32.85 -6.80
CA GLY A 324 -7.51 -32.18 -6.01
C GLY A 324 -8.24 -33.04 -5.01
N ILE A 325 -7.50 -33.69 -4.11
CA ILE A 325 -8.12 -34.55 -3.11
C ILE A 325 -7.83 -34.08 -1.69
N THR A 326 -7.02 -33.02 -1.54
CA THR A 326 -6.70 -32.51 -0.20
C THR A 326 -7.97 -31.96 0.44
N SER A 327 -8.85 -31.39 -0.38
CA SER A 327 -10.08 -30.82 0.12
C SER A 327 -10.94 -31.82 0.88
N THR A 328 -10.66 -33.12 0.74
CA THR A 328 -11.45 -34.12 1.45
C THR A 328 -10.92 -34.29 2.87
N PHE A 329 -9.69 -33.86 3.12
CA PHE A 329 -9.11 -33.97 4.45
C PHE A 329 -9.07 -32.61 5.14
N PHE A 330 -9.27 -31.55 4.36
CA PHE A 330 -9.27 -30.17 4.84
C PHE A 330 -10.32 -29.45 4.00
N PRO A 331 -11.60 -29.56 4.41
CA PRO A 331 -12.74 -28.96 3.72
C PRO A 331 -13.12 -27.50 3.99
N HIS A 332 -12.43 -26.83 4.91
CA HIS A 332 -12.79 -25.44 5.18
C HIS A 332 -11.69 -24.42 4.92
N GLY A 333 -12.00 -23.14 5.14
CA GLY A 333 -11.04 -22.07 4.92
C GLY A 333 -9.91 -22.10 5.91
N LEU A 334 -8.81 -21.41 5.57
CA LEU A 334 -7.63 -21.34 6.41
C LEU A 334 -7.72 -20.31 7.53
N GLY A 335 -8.43 -19.22 7.27
CA GLY A 335 -8.52 -18.20 8.30
C GLY A 335 -9.50 -17.09 7.96
N HIS A 336 -9.70 -16.19 8.92
CA HIS A 336 -10.64 -15.10 8.73
C HIS A 336 -10.33 -13.95 9.70
N HIS A 337 -10.81 -12.76 9.38
CA HIS A 337 -10.60 -11.62 10.25
C HIS A 337 -11.43 -11.88 11.50
N ILE A 338 -11.05 -11.26 12.61
CA ILE A 338 -11.80 -11.41 13.84
C ILE A 338 -11.70 -10.09 14.62
N GLY A 339 -12.69 -9.86 15.50
CA GLY A 339 -12.74 -8.65 16.30
C GLY A 339 -14.05 -8.61 17.09
N LEU A 340 -14.89 -7.62 16.80
CA LEU A 340 -16.18 -7.50 17.48
C LEU A 340 -17.05 -8.73 17.18
N GLN A 341 -16.85 -9.29 15.99
CA GLN A 341 -17.55 -10.49 15.57
C GLN A 341 -16.48 -11.54 15.30
N VAL A 342 -16.80 -12.79 15.60
CA VAL A 342 -15.86 -13.90 15.40
C VAL A 342 -15.41 -13.92 13.94
N HIS A 343 -16.35 -13.95 13.01
CA HIS A 343 -16.03 -13.90 11.58
C HIS A 343 -16.27 -12.42 11.28
N ASP A 344 -15.25 -11.60 11.52
CA ASP A 344 -15.41 -10.16 11.34
C ASP A 344 -15.71 -9.71 9.92
N VAL A 345 -16.31 -8.53 9.84
CA VAL A 345 -16.73 -7.93 8.58
C VAL A 345 -15.59 -7.16 7.90
N GLY A 346 -15.85 -6.66 6.70
CA GLY A 346 -14.85 -5.91 5.98
C GLY A 346 -14.71 -6.32 4.52
N GLY A 347 -13.89 -5.56 3.78
CA GLY A 347 -13.69 -5.86 2.37
C GLY A 347 -14.30 -4.80 1.47
N PHE A 348 -13.61 -4.52 0.36
CA PHE A 348 -14.07 -3.52 -0.61
C PHE A 348 -15.53 -3.78 -1.03
N MET A 349 -16.37 -2.77 -0.83
CA MET A 349 -17.81 -2.78 -1.15
C MET A 349 -18.53 -4.13 -1.05
N ALA A 350 -18.74 -4.61 0.18
CA ALA A 350 -19.42 -5.87 0.43
C ALA A 350 -19.12 -6.92 -0.64
N LEU A 366 -13.41 -15.51 3.22
CA LEU A 366 -12.24 -14.67 2.95
C LEU A 366 -11.69 -14.97 1.55
N ARG A 367 -11.93 -14.05 0.62
CA ARG A 367 -11.49 -14.19 -0.76
C ARG A 367 -9.97 -14.34 -0.91
N CYS A 368 -9.57 -15.21 -1.84
CA CYS A 368 -8.15 -15.47 -2.10
C CYS A 368 -7.52 -14.26 -2.80
N THR A 369 -8.33 -13.22 -2.99
CA THR A 369 -7.89 -12.00 -3.66
C THR A 369 -7.50 -10.81 -2.78
N ARG A 370 -8.01 -10.75 -1.55
CA ARG A 370 -7.68 -9.60 -0.70
C ARG A 370 -6.31 -9.70 -0.06
N LYS A 371 -5.75 -8.54 0.24
CA LYS A 371 -4.42 -8.47 0.84
C LYS A 371 -4.43 -8.20 2.33
N ILE A 372 -3.47 -8.82 3.01
CA ILE A 372 -3.29 -8.66 4.44
C ILE A 372 -2.73 -7.27 4.66
N GLU A 373 -3.19 -6.58 5.70
CA GLU A 373 -2.71 -5.23 5.98
C GLU A 373 -2.49 -5.02 7.47
N ALA A 374 -1.69 -4.01 7.79
CA ALA A 374 -1.36 -3.68 9.17
C ALA A 374 -2.59 -3.30 10.00
N ASN A 375 -2.53 -3.64 11.29
CA ASN A 375 -3.60 -3.37 12.25
C ASN A 375 -4.82 -4.27 12.10
N GLN A 376 -4.70 -5.30 11.26
CA GLN A 376 -5.78 -6.26 11.08
C GLN A 376 -5.48 -7.44 12.03
N VAL A 377 -6.50 -8.22 12.35
CA VAL A 377 -6.33 -9.37 13.25
C VAL A 377 -6.86 -10.61 12.53
N PHE A 378 -6.10 -11.70 12.56
CA PHE A 378 -6.48 -12.93 11.85
C PHE A 378 -6.44 -14.20 12.68
N THR A 379 -7.00 -15.26 12.12
CA THR A 379 -6.96 -16.56 12.75
C THR A 379 -6.31 -17.41 11.68
N ILE A 380 -5.47 -18.33 12.09
CA ILE A 380 -4.82 -19.24 11.15
C ILE A 380 -5.24 -20.57 11.72
N GLU A 381 -6.02 -21.32 10.96
CA GLU A 381 -6.52 -22.59 11.45
C GLU A 381 -6.50 -23.75 10.49
N PRO A 382 -5.32 -24.25 10.14
CA PRO A 382 -5.26 -25.38 9.21
C PRO A 382 -5.84 -26.60 9.93
N GLY A 383 -6.42 -27.52 9.18
CA GLY A 383 -6.98 -28.72 9.78
C GLY A 383 -6.73 -29.94 8.91
N LEU A 384 -6.96 -31.12 9.49
CA LEU A 384 -6.80 -32.40 8.82
C LEU A 384 -7.78 -33.35 9.50
N TYR A 385 -8.83 -33.75 8.80
CA TYR A 385 -9.87 -34.60 9.38
C TYR A 385 -10.14 -35.89 8.62
N PHE A 386 -10.82 -36.81 9.28
CA PHE A 386 -11.19 -38.09 8.70
C PHE A 386 -12.70 -38.18 8.79
N ILE A 387 -13.37 -37.56 7.83
CA ILE A 387 -14.82 -37.48 7.79
C ILE A 387 -15.49 -38.55 6.92
N ASP A 388 -16.28 -39.42 7.55
CA ASP A 388 -17.01 -40.48 6.87
C ASP A 388 -17.55 -40.08 5.51
N SER A 389 -18.55 -39.21 5.51
CA SER A 389 -19.18 -38.75 4.28
C SER A 389 -18.18 -38.28 3.23
N LEU A 390 -17.29 -37.39 3.62
CA LEU A 390 -16.30 -36.85 2.70
C LEU A 390 -15.35 -37.91 2.16
N LEU A 391 -15.02 -38.90 2.99
CA LEU A 391 -14.12 -39.98 2.57
C LEU A 391 -14.84 -40.93 1.61
N GLY A 392 -16.05 -41.34 1.98
CA GLY A 392 -16.81 -42.23 1.14
C GLY A 392 -16.93 -41.69 -0.28
N ASP A 393 -17.12 -40.37 -0.39
CA ASP A 393 -17.23 -39.72 -1.69
C ASP A 393 -15.95 -39.91 -2.50
N LEU A 394 -14.81 -39.88 -1.80
CA LEU A 394 -13.51 -40.05 -2.44
C LEU A 394 -13.34 -41.46 -2.99
N ALA A 395 -14.09 -42.40 -2.42
CA ALA A 395 -14.03 -43.79 -2.85
C ALA A 395 -14.78 -43.99 -4.17
N ALA A 396 -15.76 -43.14 -4.41
CA ALA A 396 -16.57 -43.20 -5.62
C ALA A 396 -15.91 -42.49 -6.80
N THR A 397 -14.61 -42.28 -6.71
CA THR A 397 -13.85 -41.62 -7.77
C THR A 397 -12.62 -42.46 -8.12
N ASP A 398 -12.01 -42.17 -9.26
CA ASP A 398 -10.83 -42.91 -9.68
C ASP A 398 -9.65 -42.71 -8.75
N ASN A 399 -9.82 -41.86 -7.74
CA ASN A 399 -8.76 -41.59 -6.79
C ASN A 399 -8.81 -42.58 -5.63
N ASN A 400 -9.84 -43.42 -5.61
CA ASN A 400 -10.01 -44.42 -4.56
C ASN A 400 -8.79 -45.33 -4.50
N GLN A 401 -8.19 -45.55 -5.67
CA GLN A 401 -7.02 -46.41 -5.79
C GLN A 401 -5.76 -45.72 -5.27
N HIS A 402 -5.87 -44.45 -4.91
CA HIS A 402 -4.71 -43.72 -4.45
C HIS A 402 -4.52 -43.51 -2.95
N ILE A 403 -5.50 -43.90 -2.15
CA ILE A 403 -5.33 -43.71 -0.71
C ILE A 403 -5.21 -45.01 0.07
N ASN A 404 -4.37 -44.98 1.09
CA ASN A 404 -4.11 -46.12 1.96
C ASN A 404 -5.28 -46.31 2.92
N TRP A 405 -6.36 -46.92 2.45
CA TRP A 405 -7.53 -47.14 3.28
C TRP A 405 -7.24 -47.85 4.60
N ASP A 406 -6.07 -48.49 4.69
CA ASP A 406 -5.69 -49.19 5.90
C ASP A 406 -5.14 -48.17 6.90
N LYS A 407 -4.54 -47.12 6.36
CA LYS A 407 -3.96 -46.05 7.17
C LYS A 407 -5.09 -45.17 7.71
N VAL A 408 -6.16 -45.08 6.93
CA VAL A 408 -7.33 -44.30 7.29
C VAL A 408 -8.06 -44.92 8.48
N ALA A 409 -8.35 -46.21 8.40
CA ALA A 409 -9.05 -46.91 9.46
C ALA A 409 -8.28 -46.85 10.78
N GLU A 410 -6.98 -46.64 10.69
CA GLU A 410 -6.12 -46.57 11.88
C GLU A 410 -6.19 -45.21 12.58
N LEU A 411 -6.46 -44.16 11.80
CA LEU A 411 -6.54 -42.81 12.34
C LEU A 411 -7.99 -42.37 12.54
N LYS A 412 -8.88 -42.87 11.68
CA LYS A 412 -10.29 -42.56 11.75
C LYS A 412 -10.77 -42.42 13.20
N PRO A 413 -10.35 -43.34 14.08
CA PRO A 413 -10.75 -43.28 15.49
C PRO A 413 -10.30 -42.03 16.25
N PHE A 414 -9.47 -41.20 15.63
CA PHE A 414 -9.02 -39.98 16.31
C PHE A 414 -9.78 -38.75 15.82
N GLY A 415 -10.59 -38.94 14.79
CA GLY A 415 -11.39 -37.85 14.25
C GLY A 415 -10.71 -36.87 13.32
N GLY A 416 -9.94 -35.94 13.90
CA GLY A 416 -9.28 -34.94 13.08
C GLY A 416 -8.48 -33.94 13.89
N ILE A 417 -7.81 -33.04 13.19
CA ILE A 417 -6.97 -32.02 13.80
C ILE A 417 -7.24 -30.60 13.32
N ARG A 418 -7.09 -29.65 14.24
CA ARG A 418 -7.23 -28.24 13.93
C ARG A 418 -6.48 -27.49 15.02
N ILE A 419 -5.68 -26.52 14.59
CA ILE A 419 -4.90 -25.72 15.51
C ILE A 419 -5.23 -24.31 15.04
N GLU A 420 -5.57 -23.44 15.96
CA GLU A 420 -5.96 -22.08 15.58
C GLU A 420 -5.53 -21.00 16.55
N ASP A 421 -4.89 -19.97 16.01
CA ASP A 421 -4.42 -18.84 16.80
C ASP A 421 -5.04 -17.55 16.28
N ASN A 422 -4.94 -16.50 17.08
CA ASN A 422 -5.44 -15.19 16.69
C ASN A 422 -4.16 -14.35 16.63
N ILE A 423 -3.88 -13.76 15.47
CA ILE A 423 -2.68 -12.97 15.29
C ILE A 423 -2.91 -11.56 14.81
N ILE A 424 -2.27 -10.61 15.48
CA ILE A 424 -2.35 -9.20 15.14
C ILE A 424 -1.20 -8.93 14.16
N VAL A 425 -1.54 -8.39 12.99
CA VAL A 425 -0.51 -8.06 12.02
C VAL A 425 -0.13 -6.59 12.17
N HIS A 426 1.01 -6.34 12.80
CA HIS A 426 1.47 -4.97 12.95
C HIS A 426 2.24 -4.60 11.68
N GLU A 427 2.42 -3.31 11.43
CA GLU A 427 3.13 -2.89 10.23
C GLU A 427 4.57 -3.40 10.23
N ASP A 428 5.14 -3.55 11.41
CA ASP A 428 6.53 -4.00 11.57
C ASP A 428 6.70 -5.46 11.96
N SER A 429 5.64 -6.09 12.47
CA SER A 429 5.75 -7.49 12.89
C SER A 429 4.42 -8.21 13.11
N LEU A 430 4.52 -9.47 13.51
CA LEU A 430 3.38 -10.33 13.76
C LEU A 430 3.27 -10.59 15.27
N GLU A 431 2.05 -10.55 15.80
CA GLU A 431 1.87 -10.80 17.23
C GLU A 431 0.83 -11.92 17.41
N ASN A 432 1.31 -13.12 17.69
CA ASN A 432 0.42 -14.26 17.89
C ASN A 432 0.02 -14.19 19.35
N MET A 433 -1.13 -13.58 19.61
CA MET A 433 -1.60 -13.41 20.97
C MET A 433 -1.70 -14.74 21.70
N THR A 434 -2.16 -15.76 20.99
CA THR A 434 -2.35 -17.07 21.56
C THR A 434 -1.06 -17.76 22.03
N ARG A 435 -0.09 -17.89 21.14
CA ARG A 435 1.16 -18.56 21.53
C ARG A 435 2.01 -17.67 22.44
N GLU A 436 1.80 -16.37 22.40
CA GLU A 436 2.56 -15.50 23.28
C GLU A 436 2.04 -15.67 24.70
N LEU A 437 0.86 -16.26 24.82
CA LEU A 437 0.27 -16.52 26.13
C LEU A 437 0.75 -17.87 26.64
N ARG A 438 1.57 -18.55 25.83
CA ARG A 438 2.15 -19.85 26.16
C ARG A 438 1.22 -21.05 25.96
N LEU A 439 0.38 -21.02 24.94
CA LEU A 439 -0.50 -22.14 24.67
C LEU A 439 0.17 -23.00 23.61
N ARG A 440 0.83 -24.06 24.06
CA ARG A 440 1.53 -24.97 23.15
C ARG A 440 0.59 -25.61 22.14
N MET B 1 -21.82 27.48 5.20
CA MET B 1 -21.05 28.53 4.48
C MET B 1 -20.50 27.99 3.15
N ASN B 2 -19.26 27.53 3.18
CA ASN B 2 -18.61 27.01 1.99
C ASN B 2 -17.75 25.78 2.28
N LYS B 3 -18.21 24.64 1.80
CA LYS B 3 -17.52 23.37 1.98
C LYS B 3 -16.24 23.35 1.16
N LEU B 4 -16.31 23.93 -0.05
CA LEU B 4 -15.17 23.99 -0.94
C LEU B 4 -13.98 24.69 -0.29
N ALA B 5 -14.26 25.76 0.43
CA ALA B 5 -13.21 26.54 1.09
C ALA B 5 -12.40 25.72 2.10
N VAL B 6 -13.09 25.02 3.00
CA VAL B 6 -12.38 24.22 4.01
C VAL B 6 -11.55 23.12 3.34
N LEU B 7 -12.08 22.56 2.26
CA LEU B 7 -11.37 21.49 1.56
C LEU B 7 -10.16 22.03 0.83
N TYR B 8 -10.23 23.28 0.38
CA TYR B 8 -9.14 23.90 -0.36
C TYR B 8 -7.85 24.01 0.45
N ALA B 9 -7.98 24.21 1.76
CA ALA B 9 -6.82 24.29 2.62
C ALA B 9 -5.96 23.04 2.48
N GLU B 10 -6.59 21.87 2.51
CA GLU B 10 -5.86 20.63 2.38
C GLU B 10 -5.26 20.50 0.99
N HIS B 11 -5.96 21.04 0.00
CA HIS B 11 -5.48 21.00 -1.39
C HIS B 11 -4.15 21.75 -1.43
N ILE B 12 -4.13 22.96 -0.86
CA ILE B 12 -2.91 23.75 -0.82
C ILE B 12 -1.81 23.02 -0.04
N ALA B 13 -2.18 22.48 1.12
CA ALA B 13 -1.20 21.75 1.94
C ALA B 13 -0.59 20.61 1.14
N THR B 14 -1.43 19.85 0.44
CA THR B 14 -0.92 18.75 -0.36
C THR B 14 0.03 19.25 -1.47
N LEU B 15 -0.38 20.29 -2.19
CA LEU B 15 0.47 20.80 -3.26
C LEU B 15 1.77 21.38 -2.69
N GLN B 16 1.67 22.00 -1.52
CA GLN B 16 2.85 22.56 -0.86
C GLN B 16 3.82 21.42 -0.54
N LYS B 17 3.30 20.33 0.02
CA LYS B 17 4.12 19.19 0.39
C LYS B 17 4.73 18.48 -0.81
N ARG B 18 3.95 18.34 -1.89
CA ARG B 18 4.47 17.68 -3.07
C ARG B 18 5.54 18.57 -3.69
N THR B 19 5.44 19.88 -3.47
CA THR B 19 6.41 20.80 -4.01
C THR B 19 7.73 20.72 -3.25
N ARG B 20 7.64 20.62 -1.93
CA ARG B 20 8.83 20.52 -1.09
C ARG B 20 9.64 19.29 -1.45
N GLU B 21 8.95 18.16 -1.59
CA GLU B 21 9.64 16.91 -1.92
C GLU B 21 10.40 16.99 -3.24
N ILE B 22 9.77 17.62 -4.23
CA ILE B 22 10.38 17.70 -5.56
C ILE B 22 11.54 18.66 -5.71
N ILE B 23 11.48 19.83 -5.07
CA ILE B 23 12.59 20.76 -5.23
C ILE B 23 13.83 20.29 -4.47
N GLU B 24 13.61 19.65 -3.32
CA GLU B 24 14.74 19.14 -2.55
C GLU B 24 15.40 18.03 -3.34
N ARG B 25 14.58 17.24 -4.02
CA ARG B 25 15.06 16.12 -4.81
C ARG B 25 15.97 16.55 -5.96
N GLU B 26 15.50 17.51 -6.76
CA GLU B 26 16.28 17.99 -7.90
C GLU B 26 17.09 19.22 -7.55
N ASN B 27 17.07 19.57 -6.26
CA ASN B 27 17.81 20.71 -5.74
C ASN B 27 17.45 21.98 -6.49
N LEU B 28 16.28 22.52 -6.16
CA LEU B 28 15.80 23.75 -6.77
C LEU B 28 15.40 24.69 -5.63
N ASP B 29 15.33 25.97 -5.90
CA ASP B 29 14.95 26.93 -4.87
C ASP B 29 13.45 27.21 -4.92
N GLY B 30 12.80 26.63 -5.93
CA GLY B 30 11.37 26.82 -6.09
C GLY B 30 10.90 26.56 -7.51
N VAL B 31 9.58 26.53 -7.69
CA VAL B 31 8.99 26.31 -9.01
C VAL B 31 8.12 27.48 -9.43
N VAL B 32 8.10 27.77 -10.73
CA VAL B 32 7.30 28.87 -11.26
C VAL B 32 6.29 28.37 -12.29
N PHE B 33 5.01 28.66 -12.03
CA PHE B 33 3.91 28.24 -12.90
C PHE B 33 3.32 29.43 -13.64
N HIS B 34 3.39 29.36 -14.98
CA HIS B 34 2.90 30.41 -15.86
C HIS B 34 1.54 30.04 -16.44
N SER B 35 0.50 30.81 -16.11
CA SER B 35 -0.84 30.50 -16.61
C SER B 35 -0.86 30.38 -18.13
N GLY B 36 -0.04 31.19 -18.79
CA GLY B 36 0.05 31.15 -20.25
C GLY B 36 -0.27 32.49 -20.88
N GLN B 37 -0.56 32.49 -22.18
CA GLN B 37 -0.89 33.74 -22.86
C GLN B 37 -1.96 33.52 -23.93
N ALA B 38 -2.62 34.59 -24.33
CA ALA B 38 -3.63 34.52 -25.38
C ALA B 38 -2.87 34.52 -26.71
N LYS B 39 -3.25 33.63 -27.61
CA LYS B 39 -2.61 33.53 -28.90
C LYS B 39 -3.27 34.42 -29.94
N ARG B 40 -2.51 35.34 -30.52
CA ARG B 40 -3.04 36.24 -31.54
C ARG B 40 -3.17 35.49 -32.85
N GLN B 41 -4.22 35.80 -33.61
CA GLN B 41 -4.45 35.15 -34.90
C GLN B 41 -3.55 35.77 -35.97
N PHE B 42 -3.03 34.92 -36.86
CA PHE B 42 -2.12 35.37 -37.91
C PHE B 42 -2.62 36.57 -38.72
N LEU B 43 -1.84 37.64 -38.73
CA LEU B 43 -2.18 38.84 -39.47
C LEU B 43 -3.45 39.54 -39.00
N ASP B 44 -4.11 38.97 -37.99
CA ASP B 44 -5.32 39.57 -37.48
C ASP B 44 -5.06 40.16 -36.12
N ASP B 45 -6.00 40.95 -35.62
CA ASP B 45 -5.86 41.53 -34.29
C ASP B 45 -6.80 40.79 -33.32
N MET B 46 -7.25 39.61 -33.74
CA MET B 46 -8.13 38.77 -32.93
C MET B 46 -7.25 37.70 -32.29
N TYR B 47 -7.72 37.11 -31.20
CA TYR B 47 -6.97 36.08 -30.53
C TYR B 47 -7.78 34.79 -30.46
N TYR B 48 -7.10 33.70 -30.15
CA TYR B 48 -7.75 32.41 -30.01
C TYR B 48 -8.37 32.38 -28.62
N PRO B 49 -9.21 31.37 -28.33
CA PRO B 49 -9.77 31.37 -26.98
C PRO B 49 -8.64 30.96 -26.00
N PHE B 50 -8.55 31.65 -24.87
CA PHE B 50 -7.53 31.36 -23.89
C PHE B 50 -7.69 29.96 -23.26
N LYS B 51 -6.58 29.23 -23.16
CA LYS B 51 -6.58 27.90 -22.58
C LYS B 51 -5.46 27.85 -21.55
N VAL B 52 -5.84 27.84 -20.28
CA VAL B 52 -4.87 27.86 -19.21
C VAL B 52 -3.98 26.63 -19.13
N ASN B 53 -2.78 26.84 -18.61
CA ASN B 53 -1.77 25.80 -18.41
C ASN B 53 -2.29 24.91 -17.29
N PRO B 54 -2.46 23.61 -17.56
CA PRO B 54 -2.96 22.64 -16.58
C PRO B 54 -2.14 22.69 -15.29
N GLN B 55 -0.83 22.76 -15.46
CA GLN B 55 0.08 22.78 -14.33
C GLN B 55 -0.18 24.01 -13.46
N PHE B 56 -0.82 25.04 -14.04
CA PHE B 56 -1.12 26.27 -13.30
C PHE B 56 -2.47 26.21 -12.60
N LYS B 57 -3.50 25.79 -13.30
CA LYS B 57 -4.83 25.73 -12.69
C LYS B 57 -4.87 24.64 -11.63
N ALA B 58 -3.87 23.77 -11.61
CA ALA B 58 -3.81 22.69 -10.62
C ALA B 58 -3.77 23.26 -9.21
N TRP B 59 -3.35 24.52 -9.09
CA TRP B 59 -3.24 25.20 -7.80
C TRP B 59 -4.47 25.99 -7.37
N LEU B 60 -5.18 26.56 -8.33
CA LEU B 60 -6.34 27.38 -8.02
C LEU B 60 -7.30 27.50 -9.19
N PRO B 61 -8.54 27.94 -8.92
CA PRO B 61 -9.55 28.09 -9.97
C PRO B 61 -9.48 29.42 -10.72
N VAL B 62 -8.42 29.61 -11.48
CA VAL B 62 -8.23 30.80 -12.31
C VAL B 62 -7.79 30.21 -13.63
N ILE B 63 -8.76 30.03 -14.52
CA ILE B 63 -8.54 29.42 -15.82
C ILE B 63 -8.86 30.34 -17.01
N ASP B 64 -9.24 31.58 -16.72
CA ASP B 64 -9.60 32.50 -17.79
C ASP B 64 -8.71 33.73 -17.74
N ASN B 65 -7.52 33.62 -17.15
CA ASN B 65 -6.66 34.79 -17.02
C ASN B 65 -5.21 34.55 -17.40
N PRO B 66 -4.77 35.13 -18.54
CA PRO B 66 -3.39 34.97 -19.00
C PRO B 66 -2.44 35.85 -18.21
N HIS B 67 -1.15 35.64 -18.42
CA HIS B 67 -0.12 36.45 -17.77
C HIS B 67 -0.08 36.37 -16.26
N CYS B 68 -0.46 35.21 -15.72
CA CYS B 68 -0.44 35.01 -14.28
C CYS B 68 0.71 34.08 -13.95
N TRP B 69 1.33 34.30 -12.80
CA TRP B 69 2.45 33.46 -12.42
C TRP B 69 2.36 33.02 -10.97
N ILE B 70 2.80 31.80 -10.72
CA ILE B 70 2.82 31.23 -9.39
C ILE B 70 4.26 30.83 -9.11
N VAL B 71 4.82 31.33 -8.02
CA VAL B 71 6.17 30.93 -7.66
C VAL B 71 6.05 30.33 -6.28
N ALA B 72 6.45 29.07 -6.16
CA ALA B 72 6.36 28.35 -4.90
C ALA B 72 7.55 27.44 -4.65
N ASN B 73 7.90 27.28 -3.38
CA ASN B 73 9.00 26.40 -2.99
C ASN B 73 8.47 25.29 -2.09
N GLY B 74 7.22 25.43 -1.66
CA GLY B 74 6.61 24.41 -0.81
C GLY B 74 6.62 24.73 0.67
N THR B 75 7.58 25.56 1.08
CA THR B 75 7.69 25.95 2.48
C THR B 75 7.04 27.31 2.70
N ASP B 76 7.41 28.29 1.88
CA ASP B 76 6.84 29.62 2.01
C ASP B 76 5.46 29.65 1.37
N LYS B 77 4.66 30.63 1.77
CA LYS B 77 3.32 30.81 1.23
C LYS B 77 3.50 31.05 -0.28
N PRO B 78 2.72 30.35 -1.12
CA PRO B 78 2.84 30.54 -2.57
C PRO B 78 2.62 31.98 -3.04
N LYS B 79 3.44 32.42 -3.98
CA LYS B 79 3.32 33.78 -4.50
C LYS B 79 2.51 33.75 -5.79
N LEU B 80 1.47 34.57 -5.83
CA LEU B 80 0.62 34.63 -7.00
C LEU B 80 0.64 35.99 -7.68
N ILE B 81 1.11 36.02 -8.92
CA ILE B 81 1.16 37.25 -9.69
C ILE B 81 -0.12 37.21 -10.51
N PHE B 82 -1.10 38.00 -10.09
CA PHE B 82 -2.40 38.05 -10.72
C PHE B 82 -2.52 39.17 -11.75
N TYR B 83 -2.72 38.78 -13.01
CA TYR B 83 -2.87 39.75 -14.08
C TYR B 83 -4.21 40.46 -13.95
N ARG B 84 -4.16 41.78 -13.79
CA ARG B 84 -5.38 42.57 -13.65
C ARG B 84 -5.16 43.96 -14.22
N PRO B 85 -5.16 44.08 -15.55
CA PRO B 85 -4.96 45.39 -16.18
C PRO B 85 -6.12 46.33 -15.86
N VAL B 86 -5.92 47.62 -16.06
CA VAL B 86 -6.96 48.59 -15.80
C VAL B 86 -7.08 49.59 -16.95
N ASP B 87 -8.30 49.73 -17.45
CA ASP B 87 -8.60 50.64 -18.56
C ASP B 87 -10.10 50.60 -18.78
N PHE B 88 -10.62 51.53 -19.57
CA PHE B 88 -12.05 51.60 -19.83
C PHE B 88 -12.53 50.62 -20.89
N TRP B 89 -11.61 50.06 -21.66
CA TRP B 89 -11.98 49.12 -22.71
C TRP B 89 -12.53 47.80 -22.17
N HIS B 90 -12.06 47.40 -20.99
CA HIS B 90 -12.51 46.16 -20.39
C HIS B 90 -13.12 46.35 -19.01
N LYS B 91 -14.01 45.43 -18.65
CA LYS B 91 -14.66 45.45 -17.35
C LYS B 91 -13.63 44.93 -16.38
N VAL B 92 -13.22 45.77 -15.43
CA VAL B 92 -12.21 45.36 -14.46
C VAL B 92 -12.85 44.67 -13.26
N PRO B 93 -12.42 43.43 -12.96
CA PRO B 93 -12.93 42.64 -11.85
C PRO B 93 -12.39 43.10 -10.50
N ASP B 94 -13.14 42.85 -9.43
CA ASP B 94 -12.70 43.22 -8.09
C ASP B 94 -11.42 42.45 -7.81
N GLU B 95 -10.61 42.94 -6.87
CA GLU B 95 -9.38 42.23 -6.55
C GLU B 95 -9.75 40.86 -5.99
N PRO B 96 -8.91 39.85 -6.24
CA PRO B 96 -9.16 38.48 -5.76
C PRO B 96 -9.55 38.45 -4.28
N ASN B 97 -10.84 38.25 -4.02
CA ASN B 97 -11.31 38.21 -2.64
C ASN B 97 -12.09 36.93 -2.30
N GLU B 98 -11.83 35.86 -3.05
CA GLU B 98 -12.50 34.59 -2.79
C GLU B 98 -11.65 33.78 -1.80
N TYR B 99 -12.23 32.70 -1.31
CA TYR B 99 -11.56 31.85 -0.34
C TYR B 99 -10.12 31.48 -0.70
N TRP B 100 -9.84 31.23 -1.97
CA TRP B 100 -8.48 30.84 -2.36
C TRP B 100 -7.46 31.96 -2.28
N ALA B 101 -7.91 33.20 -2.41
CA ALA B 101 -7.01 34.34 -2.39
C ALA B 101 -6.05 34.35 -1.20
N ASP B 102 -6.58 34.06 -0.02
CA ASP B 102 -5.78 34.06 1.19
C ASP B 102 -4.59 33.10 1.24
N TYR B 103 -4.60 32.07 0.41
CA TYR B 103 -3.51 31.10 0.43
C TYR B 103 -2.29 31.51 -0.36
N PHE B 104 -2.38 32.67 -0.99
CA PHE B 104 -1.26 33.17 -1.77
C PHE B 104 -0.94 34.60 -1.37
N ASP B 105 0.29 35.01 -1.61
CA ASP B 105 0.68 36.41 -1.38
C ASP B 105 0.47 36.95 -2.80
N ILE B 106 -0.58 37.75 -2.96
CA ILE B 106 -0.94 38.28 -4.26
C ILE B 106 -0.24 39.56 -4.74
N GLU B 107 0.15 39.54 -6.00
CA GLU B 107 0.81 40.65 -6.65
C GLU B 107 0.00 41.01 -7.88
N LEU B 108 -0.57 42.23 -7.90
CA LEU B 108 -1.38 42.67 -9.03
C LEU B 108 -0.52 43.18 -10.19
N LEU B 109 -0.48 42.41 -11.28
CA LEU B 109 0.29 42.77 -12.47
C LEU B 109 -0.62 43.55 -13.41
N VAL B 110 -0.27 44.81 -13.69
CA VAL B 110 -1.09 45.64 -14.59
C VAL B 110 -0.71 45.53 -16.06
N LYS B 111 0.44 44.96 -16.35
CA LYS B 111 0.90 44.79 -17.73
C LYS B 111 1.87 43.62 -17.84
N PRO B 112 1.65 42.75 -18.83
CA PRO B 112 2.48 41.56 -19.08
C PRO B 112 3.97 41.80 -18.91
N ASP B 113 4.51 42.80 -19.60
CA ASP B 113 5.93 43.13 -19.54
C ASP B 113 6.42 43.61 -18.18
N GLN B 114 5.51 44.05 -17.31
CA GLN B 114 5.87 44.54 -15.99
C GLN B 114 5.91 43.42 -14.94
N VAL B 115 6.32 42.22 -15.35
CA VAL B 115 6.37 41.08 -14.44
C VAL B 115 7.76 40.72 -13.94
N GLU B 116 8.78 40.94 -14.76
CA GLU B 116 10.15 40.61 -14.37
C GLU B 116 10.51 41.17 -12.99
N LYS B 117 9.94 42.32 -12.66
CA LYS B 117 10.20 42.98 -11.40
C LYS B 117 9.55 42.27 -10.21
N LEU B 118 8.61 41.38 -10.48
CA LEU B 118 7.92 40.66 -9.41
C LEU B 118 8.42 39.24 -9.22
N LEU B 119 9.24 38.76 -10.15
CA LEU B 119 9.79 37.41 -10.07
C LEU B 119 11.10 37.38 -9.29
N PRO B 120 11.58 36.17 -8.94
CA PRO B 120 12.83 36.04 -8.20
C PRO B 120 14.05 36.59 -8.97
N TYR B 121 14.88 37.35 -8.26
CA TYR B 121 16.08 37.95 -8.84
C TYR B 121 16.98 36.90 -9.50
N ASP B 122 17.31 35.86 -8.76
CA ASP B 122 18.16 34.79 -9.30
C ASP B 122 17.32 33.57 -9.66
N LYS B 123 16.90 33.52 -10.93
CA LYS B 123 16.07 32.45 -11.44
C LYS B 123 16.91 31.24 -11.86
N ALA B 124 18.19 31.26 -11.46
CA ALA B 124 19.12 30.19 -11.79
C ALA B 124 18.60 28.79 -11.42
N ARG B 125 18.02 28.68 -10.23
CA ARG B 125 17.53 27.39 -9.77
C ARG B 125 16.00 27.28 -9.65
N PHE B 126 15.29 28.21 -10.29
CA PHE B 126 13.83 28.17 -10.28
C PHE B 126 13.39 27.54 -11.59
N ALA B 127 12.61 26.48 -11.51
CA ALA B 127 12.13 25.82 -12.72
C ALA B 127 10.94 26.58 -13.27
N TYR B 128 10.92 26.78 -14.59
CA TYR B 128 9.80 27.47 -15.23
C TYR B 128 8.86 26.41 -15.75
N ILE B 129 7.60 26.52 -15.36
CA ILE B 129 6.59 25.57 -15.81
C ILE B 129 5.58 26.34 -16.64
N GLY B 130 5.79 26.29 -17.95
CA GLY B 130 4.91 26.99 -18.87
C GLY B 130 5.18 26.56 -20.29
N GLU B 131 4.42 27.14 -21.21
CA GLU B 131 4.54 26.85 -22.63
C GLU B 131 5.43 27.86 -23.35
N TYR B 132 5.58 29.04 -22.77
CA TYR B 132 6.36 30.10 -23.41
C TYR B 132 7.87 30.16 -23.10
N LEU B 133 8.61 29.24 -23.70
CA LEU B 133 10.05 29.15 -23.51
C LEU B 133 10.74 30.49 -23.75
N GLU B 134 10.49 31.08 -24.92
CA GLU B 134 11.12 32.36 -25.27
C GLU B 134 10.92 33.42 -24.19
N VAL B 135 9.68 33.60 -23.75
CA VAL B 135 9.37 34.58 -22.72
C VAL B 135 10.08 34.27 -21.41
N ALA B 136 10.27 33.00 -21.12
CA ALA B 136 10.93 32.59 -19.88
C ALA B 136 12.43 32.90 -19.96
N GLN B 137 13.04 32.52 -21.09
CA GLN B 137 14.46 32.73 -21.33
C GLN B 137 14.87 34.20 -21.22
N ALA B 138 14.07 35.08 -21.81
CA ALA B 138 14.36 36.51 -21.80
C ALA B 138 14.18 37.11 -20.41
N LEU B 139 13.55 36.36 -19.51
CA LEU B 139 13.33 36.85 -18.15
C LEU B 139 14.47 36.39 -17.25
N GLY B 140 15.15 35.31 -17.66
CA GLY B 140 16.25 34.80 -16.88
C GLY B 140 16.21 33.30 -16.65
N PHE B 141 15.01 32.73 -16.57
CA PHE B 141 14.85 31.30 -16.34
C PHE B 141 15.74 30.50 -17.29
N GLU B 142 16.15 29.32 -16.85
CA GLU B 142 17.02 28.45 -17.66
C GLU B 142 16.46 27.03 -17.72
N LEU B 143 15.82 26.61 -16.63
CA LEU B 143 15.22 25.28 -16.53
C LEU B 143 13.82 25.35 -17.12
N MET B 144 13.63 24.70 -18.26
CA MET B 144 12.34 24.70 -18.95
C MET B 144 11.61 23.38 -18.80
N ASN B 145 10.53 23.38 -18.03
CA ASN B 145 9.73 22.18 -17.82
C ASN B 145 10.59 20.92 -17.69
N PRO B 146 11.52 20.92 -16.73
CA PRO B 146 12.39 19.76 -16.53
C PRO B 146 11.64 18.45 -16.29
N GLU B 147 11.94 17.45 -17.12
CA GLU B 147 11.31 16.13 -17.06
C GLU B 147 11.01 15.55 -15.67
N PRO B 148 11.99 15.54 -14.76
CA PRO B 148 11.73 14.99 -13.43
C PRO B 148 10.65 15.75 -12.67
N VAL B 149 10.63 17.07 -12.78
CA VAL B 149 9.62 17.88 -12.10
C VAL B 149 8.23 17.66 -12.71
N MET B 150 8.18 17.54 -14.04
CA MET B 150 6.92 17.33 -14.74
C MET B 150 6.34 15.96 -14.43
N ASN B 151 7.14 14.91 -14.64
CA ASN B 151 6.69 13.55 -14.36
C ASN B 151 6.22 13.43 -12.92
N PHE B 152 6.87 14.19 -12.04
CA PHE B 152 6.53 14.18 -10.63
C PHE B 152 5.12 14.68 -10.39
N TYR B 153 4.88 15.96 -10.72
CA TYR B 153 3.56 16.54 -10.54
C TYR B 153 2.49 15.72 -11.25
N HIS B 154 2.82 15.22 -12.44
CA HIS B 154 1.87 14.43 -13.19
C HIS B 154 1.54 13.10 -12.53
N TYR B 155 2.52 12.52 -11.84
CA TYR B 155 2.31 11.25 -11.15
C TYR B 155 1.28 11.46 -10.06
N HIS B 156 1.45 12.52 -9.28
CA HIS B 156 0.56 12.80 -8.18
C HIS B 156 -0.81 13.30 -8.57
N ARG B 157 -0.95 13.80 -9.79
CA ARG B 157 -2.22 14.31 -10.27
C ARG B 157 -3.25 13.19 -10.35
N ALA B 158 -2.78 11.95 -10.42
CA ALA B 158 -3.68 10.81 -10.48
C ALA B 158 -4.41 10.59 -9.15
N TYR B 159 -3.88 11.18 -8.08
CA TYR B 159 -4.45 11.05 -6.73
C TYR B 159 -5.10 12.37 -6.34
N LYS B 160 -6.42 12.44 -6.53
CA LYS B 160 -7.15 13.67 -6.23
C LYS B 160 -7.29 14.01 -4.76
N THR B 161 -7.24 15.31 -4.46
CA THR B 161 -7.42 15.76 -3.10
C THR B 161 -8.94 15.80 -2.93
N GLN B 162 -9.41 16.04 -1.71
CA GLN B 162 -10.85 16.08 -1.47
C GLN B 162 -11.43 17.26 -2.24
N TYR B 163 -10.69 18.37 -2.26
CA TYR B 163 -11.10 19.57 -2.98
C TYR B 163 -11.33 19.20 -4.45
N GLU B 164 -10.37 18.50 -5.04
CA GLU B 164 -10.49 18.12 -6.43
C GLU B 164 -11.69 17.22 -6.71
N LEU B 165 -11.93 16.24 -5.84
CA LEU B 165 -13.08 15.34 -6.01
C LEU B 165 -14.39 16.14 -5.96
N ALA B 166 -14.45 17.11 -5.07
CA ALA B 166 -15.64 17.93 -4.94
C ALA B 166 -15.88 18.69 -6.25
N CYS B 167 -14.83 19.29 -6.81
CA CYS B 167 -14.95 20.01 -8.08
C CYS B 167 -15.43 19.06 -9.16
N MET B 168 -14.91 17.84 -9.14
CA MET B 168 -15.29 16.86 -10.12
C MET B 168 -16.76 16.48 -10.02
N ARG B 169 -17.29 16.40 -8.79
CA ARG B 169 -18.72 16.07 -8.59
C ARG B 169 -19.53 17.20 -9.18
N GLU B 170 -19.07 18.42 -8.95
CA GLU B 170 -19.76 19.60 -9.46
C GLU B 170 -19.77 19.63 -10.99
N ALA B 171 -18.65 19.28 -11.61
CA ALA B 171 -18.63 19.30 -13.08
C ALA B 171 -19.58 18.23 -13.60
N ASN B 172 -19.60 17.08 -12.94
CA ASN B 172 -20.48 15.99 -13.37
C ASN B 172 -21.93 16.42 -13.22
N LYS B 173 -22.20 17.18 -12.17
CA LYS B 173 -23.54 17.65 -11.90
C LYS B 173 -24.03 18.54 -13.03
N ILE B 174 -23.18 19.46 -13.47
CA ILE B 174 -23.54 20.36 -14.55
C ILE B 174 -23.74 19.58 -15.85
N ALA B 175 -22.80 18.70 -16.17
CA ALA B 175 -22.87 17.91 -17.39
C ALA B 175 -24.15 17.09 -17.50
N VAL B 176 -24.56 16.46 -16.41
CA VAL B 176 -25.77 15.65 -16.43
C VAL B 176 -26.98 16.53 -16.81
N GLN B 177 -27.04 17.74 -16.26
CA GLN B 177 -28.12 18.64 -16.59
C GLN B 177 -28.15 18.80 -18.10
N GLY B 178 -26.97 18.95 -18.70
CA GLY B 178 -26.89 19.08 -20.14
C GLY B 178 -27.36 17.82 -20.85
N HIS B 179 -26.90 16.67 -20.37
CA HIS B 179 -27.26 15.38 -20.97
C HIS B 179 -28.76 15.08 -20.95
N LYS B 180 -29.46 15.56 -19.93
CA LYS B 180 -30.90 15.33 -19.82
C LYS B 180 -31.60 16.21 -20.84
N ALA B 181 -31.14 17.46 -20.98
CA ALA B 181 -31.73 18.37 -21.95
C ALA B 181 -31.46 17.86 -23.37
N ALA B 182 -30.30 17.26 -23.58
CA ALA B 182 -29.94 16.74 -24.89
C ALA B 182 -30.84 15.59 -25.25
N ARG B 183 -31.03 14.70 -24.29
CA ARG B 183 -31.90 13.56 -24.52
C ARG B 183 -33.30 14.08 -24.90
N ASP B 184 -33.80 15.06 -24.17
CA ASP B 184 -35.12 15.62 -24.45
C ASP B 184 -35.19 16.20 -25.87
N ALA B 185 -34.15 16.95 -26.26
CA ALA B 185 -34.12 17.55 -27.58
C ALA B 185 -34.14 16.47 -28.67
N PHE B 186 -33.48 15.35 -28.41
CA PHE B 186 -33.43 14.25 -29.38
C PHE B 186 -34.82 13.66 -29.62
N PHE B 187 -35.49 13.27 -28.54
CA PHE B 187 -36.82 12.70 -28.69
C PHE B 187 -37.82 13.65 -29.32
N GLN B 188 -37.51 14.94 -29.30
CA GLN B 188 -38.39 15.94 -29.90
C GLN B 188 -38.03 16.10 -31.38
N GLY B 189 -37.09 15.27 -31.82
CA GLY B 189 -36.65 15.30 -33.21
C GLY B 189 -35.82 16.49 -33.65
N LYS B 190 -34.99 17.02 -32.77
CA LYS B 190 -34.15 18.17 -33.11
C LYS B 190 -32.93 17.75 -33.94
N SER B 191 -32.25 18.74 -34.52
CA SER B 191 -31.06 18.47 -35.31
C SER B 191 -29.86 18.39 -34.37
N GLU B 192 -28.78 17.80 -34.86
CA GLU B 192 -27.57 17.71 -34.05
C GLU B 192 -27.21 19.11 -33.54
N PHE B 193 -27.29 20.10 -34.41
CA PHE B 193 -26.97 21.46 -34.02
C PHE B 193 -27.92 21.94 -32.91
N GLU B 194 -29.21 21.62 -33.05
CA GLU B 194 -30.20 22.01 -32.05
C GLU B 194 -30.00 21.27 -30.74
N ILE B 195 -29.65 19.99 -30.82
CA ILE B 195 -29.42 19.22 -29.60
C ILE B 195 -28.23 19.82 -28.86
N GLN B 196 -27.19 20.20 -29.61
CA GLN B 196 -26.00 20.79 -29.03
C GLN B 196 -26.38 22.13 -28.38
N GLN B 197 -27.27 22.87 -29.02
CA GLN B 197 -27.67 24.16 -28.44
C GLN B 197 -28.37 23.94 -27.10
N ALA B 198 -29.18 22.89 -27.03
CA ALA B 198 -29.89 22.57 -25.81
C ALA B 198 -28.88 22.21 -24.71
N TYR B 199 -27.85 21.46 -25.08
CA TYR B 199 -26.85 21.04 -24.11
C TYR B 199 -26.12 22.24 -23.51
N LEU B 200 -25.78 23.19 -24.36
CA LEU B 200 -25.06 24.37 -23.89
C LEU B 200 -25.94 25.23 -22.98
N LEU B 201 -27.19 25.41 -23.36
CA LEU B 201 -28.10 26.23 -22.56
C LEU B 201 -28.30 25.61 -21.18
N ALA B 202 -28.54 24.31 -21.12
CA ALA B 202 -28.76 23.62 -19.86
C ALA B 202 -27.52 23.65 -18.96
N THR B 203 -26.33 23.54 -19.56
CA THR B 203 -25.11 23.55 -18.76
C THR B 203 -24.61 24.96 -18.58
N GLN B 204 -25.26 25.90 -19.25
CA GLN B 204 -24.88 27.29 -19.19
C GLN B 204 -23.40 27.46 -19.59
N HIS B 205 -22.95 26.61 -20.52
CA HIS B 205 -21.58 26.65 -21.01
C HIS B 205 -21.53 27.26 -22.41
N SER B 206 -20.52 28.09 -22.69
CA SER B 206 -20.36 28.61 -24.05
C SER B 206 -19.59 27.46 -24.70
N GLU B 207 -19.59 27.35 -26.02
CA GLU B 207 -18.87 26.25 -26.64
C GLU B 207 -17.41 26.16 -26.15
N ASN B 208 -16.77 27.30 -25.90
CA ASN B 208 -15.39 27.27 -25.43
C ASN B 208 -15.19 26.95 -23.94
N ASP B 209 -16.30 26.83 -23.20
CA ASP B 209 -16.18 26.52 -21.78
C ASP B 209 -16.10 25.01 -21.55
N ASN B 210 -16.57 24.17 -22.47
CA ASN B 210 -16.44 22.73 -22.15
C ASN B 210 -15.07 22.20 -22.37
N PRO B 211 -14.84 21.11 -21.69
CA PRO B 211 -13.56 20.48 -21.61
C PRO B 211 -13.04 19.91 -22.91
N TYR B 212 -13.94 19.57 -23.83
CA TYR B 212 -13.52 19.03 -25.12
C TYR B 212 -14.65 19.28 -26.11
N GLY B 213 -14.38 19.12 -27.40
CA GLY B 213 -15.42 19.35 -28.38
C GLY B 213 -16.50 18.30 -28.24
N ASN B 214 -17.71 18.71 -27.88
CA ASN B 214 -18.81 17.77 -27.71
C ASN B 214 -19.07 16.99 -28.98
N ILE B 215 -19.51 15.76 -28.80
CA ILE B 215 -19.87 14.92 -29.91
C ILE B 215 -21.39 14.74 -29.79
N VAL B 216 -22.12 15.24 -30.80
CA VAL B 216 -23.57 15.13 -30.84
C VAL B 216 -23.92 14.46 -32.16
N ALA B 217 -24.01 13.14 -32.14
CA ALA B 217 -24.29 12.37 -33.34
C ALA B 217 -25.68 11.73 -33.42
N LEU B 218 -26.27 11.83 -34.60
CA LEU B 218 -27.59 11.25 -34.89
C LEU B 218 -27.38 10.15 -35.94
N ASN B 219 -28.15 9.07 -35.83
CA ASN B 219 -28.08 7.95 -36.78
C ASN B 219 -26.68 7.41 -37.12
N GLU B 220 -26.38 7.31 -38.41
CA GLU B 220 -25.08 6.80 -38.88
C GLU B 220 -23.86 7.53 -38.33
N ASN B 221 -24.00 8.81 -38.04
CA ASN B 221 -22.87 9.57 -37.51
C ASN B 221 -22.40 9.02 -36.17
N CYS B 222 -23.24 8.22 -35.51
CA CYS B 222 -22.89 7.64 -34.22
C CYS B 222 -21.69 6.70 -34.33
N ALA B 223 -21.32 6.36 -35.57
CA ALA B 223 -20.18 5.46 -35.83
C ALA B 223 -18.89 6.24 -36.09
N ILE B 224 -19.00 7.56 -36.16
CA ILE B 224 -17.85 8.42 -36.38
C ILE B 224 -17.27 8.78 -35.00
N LEU B 225 -16.38 7.93 -34.52
CA LEU B 225 -15.74 8.09 -33.21
C LEU B 225 -15.30 9.50 -32.85
N HIS B 226 -14.79 10.24 -33.84
CA HIS B 226 -14.35 11.60 -33.60
C HIS B 226 -15.23 12.59 -34.36
N TYR B 227 -16.52 12.28 -34.44
CA TYR B 227 -17.47 13.14 -35.14
C TYR B 227 -17.40 14.53 -34.53
N THR B 228 -17.10 15.52 -35.34
CA THR B 228 -16.98 16.89 -34.85
C THR B 228 -18.12 17.84 -35.26
N HIS B 229 -18.66 17.65 -36.45
CA HIS B 229 -19.72 18.52 -36.96
C HIS B 229 -21.09 18.38 -36.29
N PHE B 230 -21.92 19.41 -36.46
CA PHE B 230 -23.28 19.43 -35.96
C PHE B 230 -24.19 19.75 -37.14
N ASP B 231 -24.82 18.74 -37.72
CA ASP B 231 -25.70 19.00 -38.86
C ASP B 231 -26.78 20.01 -38.45
N ARG B 232 -27.10 20.94 -39.35
CA ARG B 232 -28.11 21.95 -39.06
C ARG B 232 -29.50 21.45 -39.45
N VAL B 233 -29.55 20.43 -40.28
CA VAL B 233 -30.84 19.86 -40.72
C VAL B 233 -31.02 18.50 -40.08
N ALA B 234 -32.20 18.27 -39.51
CA ALA B 234 -32.46 16.99 -38.86
C ALA B 234 -32.63 15.89 -39.90
N PRO B 235 -32.34 14.64 -39.52
CA PRO B 235 -32.47 13.50 -40.42
C PRO B 235 -33.93 13.34 -40.82
N ALA B 236 -34.19 12.66 -41.93
CA ALA B 236 -35.55 12.44 -42.37
C ALA B 236 -36.23 11.63 -41.26
N THR B 237 -35.49 10.66 -40.75
CA THR B 237 -35.97 9.79 -39.68
C THR B 237 -34.96 9.80 -38.53
N HIS B 238 -35.47 9.73 -37.31
CA HIS B 238 -34.61 9.69 -36.12
C HIS B 238 -34.59 8.24 -35.66
N ARG B 239 -33.40 7.69 -35.53
CA ARG B 239 -33.26 6.31 -35.11
C ARG B 239 -32.38 6.15 -33.87
N SER B 240 -31.22 6.78 -33.90
CA SER B 240 -30.28 6.69 -32.79
C SER B 240 -29.69 8.04 -32.41
N PHE B 241 -29.07 8.10 -31.24
CA PHE B 241 -28.48 9.34 -30.76
C PHE B 241 -27.37 9.02 -29.77
N LEU B 242 -26.18 9.54 -30.06
CA LEU B 242 -25.02 9.35 -29.21
C LEU B 242 -24.47 10.72 -28.88
N ILE B 243 -24.32 11.02 -27.60
CA ILE B 243 -23.78 12.29 -27.19
C ILE B 243 -22.68 12.08 -26.18
N ASP B 244 -21.49 12.59 -26.51
CA ASP B 244 -20.36 12.51 -25.61
C ASP B 244 -20.12 13.98 -25.34
N ALA B 245 -20.45 14.43 -24.13
CA ALA B 245 -20.28 15.83 -23.76
C ALA B 245 -19.98 15.91 -22.29
N GLY B 246 -19.29 16.96 -21.88
CA GLY B 246 -18.93 17.11 -20.50
C GLY B 246 -19.12 18.53 -20.04
N ALA B 247 -18.39 18.91 -19.00
CA ALA B 247 -18.52 20.26 -18.49
C ALA B 247 -17.34 20.55 -17.64
N ASN B 248 -17.28 21.78 -17.17
CA ASN B 248 -16.17 22.22 -16.35
C ASN B 248 -16.61 22.89 -15.08
N PHE B 249 -15.79 22.74 -14.05
CA PHE B 249 -16.00 23.44 -12.80
C PHE B 249 -14.61 23.63 -12.22
N ASN B 250 -14.22 24.89 -12.05
CA ASN B 250 -12.91 25.23 -11.50
C ASN B 250 -11.74 24.58 -12.23
N GLY B 251 -11.94 24.21 -13.48
CA GLY B 251 -10.88 23.58 -14.24
C GLY B 251 -10.94 22.08 -14.30
N TYR B 252 -11.87 21.47 -13.56
CA TYR B 252 -11.99 20.02 -13.58
C TYR B 252 -13.08 19.62 -14.53
N ALA B 253 -12.93 18.46 -15.15
CA ALA B 253 -13.87 18.01 -16.15
C ALA B 253 -14.68 16.75 -15.90
N ALA B 254 -15.75 16.66 -16.67
CA ALA B 254 -16.65 15.52 -16.68
C ALA B 254 -16.56 15.10 -18.15
N ASP B 255 -16.65 13.80 -18.41
CA ASP B 255 -16.55 13.28 -19.76
C ASP B 255 -17.58 12.15 -19.76
N ILE B 256 -18.79 12.48 -20.21
CA ILE B 256 -19.91 11.56 -20.21
C ILE B 256 -20.52 11.24 -21.56
N THR B 257 -20.79 9.96 -21.79
CA THR B 257 -21.40 9.56 -23.04
C THR B 257 -22.67 8.76 -22.77
N ARG B 258 -23.70 9.00 -23.58
CA ARG B 258 -24.96 8.28 -23.49
C ARG B 258 -25.45 8.01 -24.91
N THR B 259 -26.10 6.86 -25.11
CA THR B 259 -26.65 6.50 -26.40
C THR B 259 -28.11 6.14 -26.23
N TYR B 260 -28.95 6.58 -27.17
CA TYR B 260 -30.38 6.32 -27.09
C TYR B 260 -31.00 5.85 -28.40
N ASP B 261 -32.04 5.02 -28.29
CA ASP B 261 -32.77 4.56 -29.45
C ASP B 261 -34.03 5.43 -29.47
N PHE B 262 -34.43 5.88 -30.64
CA PHE B 262 -35.59 6.76 -30.75
C PHE B 262 -36.92 6.13 -30.31
N THR B 263 -37.17 4.88 -30.71
CA THR B 263 -38.42 4.21 -30.37
C THR B 263 -38.42 3.48 -29.04
N GLY B 264 -37.26 2.96 -28.63
CA GLY B 264 -37.19 2.25 -27.36
C GLY B 264 -37.54 0.78 -27.52
N GLU B 265 -37.71 0.34 -28.76
CA GLU B 265 -38.04 -1.04 -29.06
C GLU B 265 -37.28 -1.45 -30.31
N GLY B 266 -36.98 -2.73 -30.44
CA GLY B 266 -36.26 -3.21 -31.60
C GLY B 266 -34.89 -3.71 -31.19
N GLU B 267 -34.16 -4.31 -32.12
CA GLU B 267 -32.84 -4.85 -31.82
C GLU B 267 -31.87 -3.81 -31.23
N PHE B 268 -31.76 -2.65 -31.88
CA PHE B 268 -30.85 -1.62 -31.39
C PHE B 268 -31.19 -1.19 -29.97
N ALA B 269 -32.47 -1.06 -29.66
CA ALA B 269 -32.87 -0.65 -28.32
C ALA B 269 -32.41 -1.71 -27.33
N GLU B 270 -32.55 -2.99 -27.72
CA GLU B 270 -32.14 -4.11 -26.88
C GLU B 270 -30.62 -4.17 -26.77
N LEU B 271 -29.94 -3.80 -27.85
CA LEU B 271 -28.48 -3.80 -27.87
C LEU B 271 -27.95 -2.73 -26.91
N VAL B 272 -28.61 -1.57 -26.88
CA VAL B 272 -28.22 -0.48 -25.99
C VAL B 272 -28.42 -0.92 -24.54
N ALA B 273 -29.56 -1.55 -24.27
CA ALA B 273 -29.86 -2.02 -22.92
C ALA B 273 -28.85 -3.08 -22.49
N THR B 274 -28.40 -3.90 -23.44
CA THR B 274 -27.42 -4.94 -23.18
C THR B 274 -26.06 -4.31 -22.93
N MET B 275 -25.75 -3.26 -23.67
CA MET B 275 -24.48 -2.58 -23.49
C MET B 275 -24.46 -1.84 -22.15
N LYS B 276 -25.62 -1.33 -21.74
CA LYS B 276 -25.74 -0.62 -20.47
C LYS B 276 -25.41 -1.59 -19.34
N GLN B 277 -25.84 -2.84 -19.51
CA GLN B 277 -25.58 -3.89 -18.52
C GLN B 277 -24.08 -4.12 -18.35
N HIS B 278 -23.38 -4.27 -19.48
CA HIS B 278 -21.94 -4.51 -19.43
C HIS B 278 -21.19 -3.32 -18.87
N GLN B 279 -21.64 -2.12 -19.23
CA GLN B 279 -20.99 -0.91 -18.74
C GLN B 279 -21.06 -0.91 -17.22
N ILE B 280 -22.25 -1.12 -16.68
CA ILE B 280 -22.43 -1.14 -15.23
C ILE B 280 -21.62 -2.27 -14.62
N ALA B 281 -21.58 -3.41 -15.29
CA ALA B 281 -20.82 -4.55 -14.80
C ALA B 281 -19.32 -4.28 -14.81
N LEU B 282 -18.85 -3.52 -15.80
CA LEU B 282 -17.43 -3.21 -15.89
C LEU B 282 -17.09 -2.20 -14.80
N MET B 283 -17.95 -1.20 -14.65
CA MET B 283 -17.77 -0.17 -13.63
C MET B 283 -17.63 -0.85 -12.26
N ASN B 284 -18.51 -1.80 -11.99
CA ASN B 284 -18.48 -2.54 -10.72
C ASN B 284 -17.23 -3.41 -10.52
N GLN B 285 -16.33 -3.44 -11.49
CA GLN B 285 -15.13 -4.24 -11.35
C GLN B 285 -13.94 -3.41 -10.92
N LEU B 286 -14.14 -2.09 -10.84
CA LEU B 286 -13.07 -1.19 -10.40
C LEU B 286 -12.81 -1.52 -8.92
N ALA B 287 -11.56 -1.39 -8.50
CA ALA B 287 -11.19 -1.67 -7.10
C ALA B 287 -9.70 -1.50 -6.86
N PRO B 288 -9.33 -0.92 -5.71
CA PRO B 288 -7.91 -0.73 -5.41
C PRO B 288 -7.12 -2.03 -5.63
N GLY B 289 -5.93 -1.91 -6.23
CA GLY B 289 -5.09 -3.06 -6.49
C GLY B 289 -5.39 -3.78 -7.80
N LYS B 290 -6.53 -3.46 -8.41
CA LYS B 290 -6.94 -4.10 -9.65
C LYS B 290 -6.16 -3.59 -10.87
N LEU B 291 -5.90 -4.49 -11.81
CA LEU B 291 -5.19 -4.14 -13.03
C LEU B 291 -6.15 -3.78 -14.15
N TYR B 292 -6.04 -2.56 -14.65
CA TYR B 292 -6.88 -2.08 -15.73
C TYR B 292 -6.95 -3.12 -16.84
N GLY B 293 -5.81 -3.75 -17.12
CA GLY B 293 -5.75 -4.76 -18.16
C GLY B 293 -6.83 -5.83 -18.03
N GLU B 294 -7.12 -6.23 -16.80
CA GLU B 294 -8.15 -7.25 -16.55
C GLU B 294 -9.50 -6.70 -17.00
N LEU B 295 -9.77 -5.46 -16.64
CA LEU B 295 -11.02 -4.81 -17.02
C LEU B 295 -11.09 -4.67 -18.53
N HIS B 296 -9.96 -4.34 -19.14
CA HIS B 296 -9.90 -4.19 -20.59
C HIS B 296 -10.23 -5.52 -21.26
N LEU B 297 -9.62 -6.59 -20.77
CA LEU B 297 -9.86 -7.92 -21.32
C LEU B 297 -11.32 -8.35 -21.16
N ASP B 298 -11.87 -8.14 -19.97
CA ASP B 298 -13.25 -8.52 -19.71
C ASP B 298 -14.21 -7.74 -20.61
N CYS B 299 -13.87 -6.50 -20.92
CA CYS B 299 -14.73 -5.69 -21.79
C CYS B 299 -14.82 -6.28 -23.18
N HIS B 300 -13.69 -6.71 -23.72
CA HIS B 300 -13.69 -7.31 -25.05
C HIS B 300 -14.50 -8.60 -25.01
N GLN B 301 -14.48 -9.25 -23.85
CA GLN B 301 -15.21 -10.49 -23.67
C GLN B 301 -16.71 -10.18 -23.67
N ARG B 302 -17.13 -9.14 -22.95
CA ARG B 302 -18.55 -8.78 -22.90
C ARG B 302 -19.02 -8.42 -24.32
N VAL B 303 -18.16 -7.71 -25.04
CA VAL B 303 -18.49 -7.31 -26.41
C VAL B 303 -18.67 -8.55 -27.27
N ALA B 304 -17.79 -9.53 -27.08
CA ALA B 304 -17.88 -10.78 -27.83
C ALA B 304 -19.22 -11.45 -27.56
N GLN B 305 -19.57 -11.58 -26.27
CA GLN B 305 -20.84 -12.20 -25.90
C GLN B 305 -22.02 -11.46 -26.51
N THR B 306 -21.87 -10.16 -26.70
CA THR B 306 -22.94 -9.36 -27.30
C THR B 306 -22.98 -9.63 -28.79
N LEU B 307 -21.81 -9.68 -29.42
CA LEU B 307 -21.74 -9.94 -30.85
C LEU B 307 -22.35 -11.30 -31.17
N SER B 308 -22.23 -12.24 -30.22
CA SER B 308 -22.76 -13.58 -30.43
C SER B 308 -24.24 -13.71 -30.09
N ASP B 309 -24.63 -13.21 -28.93
CA ASP B 309 -26.02 -13.29 -28.48
C ASP B 309 -27.00 -12.63 -29.45
N PHE B 310 -26.59 -11.52 -30.06
CA PHE B 310 -27.44 -10.79 -31.00
C PHE B 310 -27.34 -11.31 -32.43
N ASN B 311 -26.56 -12.37 -32.62
CA ASN B 311 -26.39 -12.97 -33.94
C ASN B 311 -25.68 -12.07 -34.93
N ILE B 312 -24.80 -11.21 -34.45
CA ILE B 312 -24.05 -10.32 -35.34
C ILE B 312 -22.89 -11.12 -35.92
N VAL B 313 -22.43 -12.10 -35.15
CA VAL B 313 -21.34 -12.98 -35.56
C VAL B 313 -21.76 -14.40 -35.20
N ASP B 314 -21.62 -15.31 -36.16
CA ASP B 314 -22.01 -16.70 -35.95
C ASP B 314 -20.92 -17.52 -35.26
N LEU B 315 -20.54 -17.09 -34.07
CA LEU B 315 -19.52 -17.77 -33.28
C LEU B 315 -19.81 -17.56 -31.80
N SER B 316 -19.13 -18.34 -30.94
CA SER B 316 -19.33 -18.21 -29.50
C SER B 316 -18.43 -17.07 -29.00
N ALA B 317 -18.67 -16.63 -27.78
CA ALA B 317 -17.89 -15.55 -27.21
C ALA B 317 -16.39 -15.81 -27.32
N ASP B 318 -15.89 -16.80 -26.58
CA ASP B 318 -14.48 -17.15 -26.60
C ASP B 318 -13.98 -17.33 -28.03
N GLU B 319 -14.80 -18.01 -28.83
CA GLU B 319 -14.49 -18.26 -30.23
C GLU B 319 -14.27 -16.93 -30.96
N ILE B 320 -15.04 -15.93 -30.56
CA ILE B 320 -14.97 -14.59 -31.13
C ILE B 320 -13.74 -13.83 -30.66
N VAL B 321 -13.38 -14.02 -29.39
CA VAL B 321 -12.21 -13.35 -28.81
C VAL B 321 -10.93 -13.91 -29.39
N ALA B 322 -10.86 -15.24 -29.51
CA ALA B 322 -9.69 -15.92 -30.05
C ALA B 322 -9.29 -15.37 -31.42
N LYS B 323 -10.29 -15.27 -32.30
CA LYS B 323 -10.05 -14.77 -33.66
C LYS B 323 -9.79 -13.27 -33.72
N GLY B 324 -9.89 -12.60 -32.58
CA GLY B 324 -9.65 -11.17 -32.52
C GLY B 324 -10.54 -10.32 -33.42
N ILE B 325 -11.83 -10.62 -33.45
CA ILE B 325 -12.74 -9.85 -34.30
C ILE B 325 -13.50 -8.77 -33.53
N THR B 326 -13.41 -8.77 -32.21
CA THR B 326 -14.10 -7.76 -31.41
C THR B 326 -13.51 -6.38 -31.66
N SER B 327 -12.18 -6.32 -31.76
CA SER B 327 -11.49 -5.06 -31.96
C SER B 327 -12.00 -4.22 -33.14
N THR B 328 -12.85 -4.82 -33.98
CA THR B 328 -13.39 -4.08 -35.12
C THR B 328 -14.71 -3.40 -34.78
N PHE B 329 -15.34 -3.85 -33.69
CA PHE B 329 -16.61 -3.25 -33.24
C PHE B 329 -16.35 -2.37 -32.02
N PHE B 330 -15.18 -2.57 -31.42
CA PHE B 330 -14.74 -1.82 -30.24
C PHE B 330 -13.25 -1.60 -30.46
N PRO B 331 -12.90 -0.52 -31.18
CA PRO B 331 -11.53 -0.14 -31.49
C PRO B 331 -10.82 0.86 -30.58
N HIS B 332 -11.36 1.12 -29.40
CA HIS B 332 -10.69 2.07 -28.52
C HIS B 332 -10.53 1.55 -27.09
N GLY B 333 -9.90 2.36 -26.25
CA GLY B 333 -9.69 1.97 -24.86
C GLY B 333 -10.98 1.95 -24.05
N LEU B 334 -10.96 1.21 -22.95
CA LEU B 334 -12.12 1.09 -22.07
C LEU B 334 -12.29 2.34 -21.21
N GLY B 335 -11.18 2.90 -20.78
CA GLY B 335 -11.25 4.09 -19.95
C GLY B 335 -9.93 4.78 -19.75
N HIS B 336 -9.96 5.88 -19.02
CA HIS B 336 -8.77 6.66 -18.75
C HIS B 336 -8.99 7.41 -17.45
N HIS B 337 -7.91 7.98 -16.94
CA HIS B 337 -8.00 8.78 -15.74
C HIS B 337 -8.56 10.11 -16.23
N ILE B 338 -9.16 10.87 -15.33
CA ILE B 338 -9.72 12.16 -15.67
C ILE B 338 -9.53 13.07 -14.48
N GLY B 339 -9.41 14.36 -14.74
CA GLY B 339 -9.23 15.34 -13.68
C GLY B 339 -9.17 16.71 -14.35
N LEU B 340 -8.07 17.45 -14.15
CA LEU B 340 -7.90 18.77 -14.75
C LEU B 340 -7.85 18.67 -16.27
N GLN B 341 -7.46 17.50 -16.75
CA GLN B 341 -7.39 17.23 -18.18
C GLN B 341 -8.27 16.00 -18.42
N VAL B 342 -9.04 16.03 -19.49
CA VAL B 342 -9.94 14.93 -19.82
C VAL B 342 -9.19 13.62 -19.83
N HIS B 343 -8.09 13.58 -20.59
CA HIS B 343 -7.24 12.39 -20.65
C HIS B 343 -6.10 12.75 -19.71
N ASP B 344 -6.36 12.61 -18.42
CA ASP B 344 -5.42 12.98 -17.36
C ASP B 344 -4.08 12.26 -17.38
N VAL B 345 -3.07 12.95 -16.85
CA VAL B 345 -1.70 12.47 -16.81
C VAL B 345 -1.44 11.43 -15.74
N THR B 369 -0.87 -2.79 -17.13
CA THR B 369 -0.07 -3.20 -15.98
C THR B 369 -0.23 -2.24 -14.80
N ARG B 370 -0.80 -1.06 -15.07
CA ARG B 370 -1.01 -0.07 -14.02
C ARG B 370 -2.19 -0.46 -13.14
N LYS B 371 -2.01 -0.32 -11.83
CA LYS B 371 -3.05 -0.67 -10.87
C LYS B 371 -3.95 0.49 -10.50
N ILE B 372 -5.22 0.18 -10.27
CA ILE B 372 -6.20 1.18 -9.85
C ILE B 372 -5.97 1.39 -8.36
N GLU B 373 -6.01 2.63 -7.91
CA GLU B 373 -5.83 2.93 -6.50
C GLU B 373 -6.89 3.89 -6.00
N ALA B 374 -6.97 4.05 -4.68
CA ALA B 374 -7.95 4.93 -4.08
C ALA B 374 -7.67 6.40 -4.39
N ASN B 375 -8.75 7.19 -4.45
CA ASN B 375 -8.66 8.62 -4.74
C ASN B 375 -8.34 8.91 -6.20
N GLN B 376 -8.50 7.91 -7.06
CA GLN B 376 -8.25 8.12 -8.48
C GLN B 376 -9.62 8.19 -9.13
N VAL B 377 -9.72 8.87 -10.28
CA VAL B 377 -11.01 9.01 -10.97
C VAL B 377 -10.88 8.50 -12.40
N PHE B 378 -11.71 7.53 -12.76
CA PHE B 378 -11.67 6.92 -14.09
C PHE B 378 -12.95 7.09 -14.88
N THR B 379 -12.87 6.76 -16.16
CA THR B 379 -14.03 6.77 -17.02
C THR B 379 -14.12 5.31 -17.41
N ILE B 380 -15.34 4.85 -17.68
CA ILE B 380 -15.60 3.49 -18.10
C ILE B 380 -16.51 3.73 -19.28
N GLU B 381 -15.98 3.55 -20.49
CA GLU B 381 -16.73 3.81 -21.69
C GLU B 381 -16.73 2.71 -22.75
N PRO B 382 -17.37 1.58 -22.45
CA PRO B 382 -17.37 0.51 -23.46
C PRO B 382 -18.16 1.03 -24.66
N GLY B 383 -17.93 0.44 -25.82
CA GLY B 383 -18.65 0.87 -27.00
C GLY B 383 -18.81 -0.27 -27.99
N LEU B 384 -19.71 -0.09 -28.94
CA LEU B 384 -19.96 -1.09 -29.97
C LEU B 384 -20.37 -0.28 -31.19
N TYR B 385 -19.56 -0.31 -32.23
CA TYR B 385 -19.85 0.47 -33.42
C TYR B 385 -19.84 -0.35 -34.71
N PHE B 386 -20.43 0.23 -35.75
CA PHE B 386 -20.50 -0.40 -37.07
C PHE B 386 -19.85 0.58 -38.06
N ILE B 387 -18.53 0.50 -38.18
CA ILE B 387 -17.77 1.38 -39.06
C ILE B 387 -17.35 0.74 -40.39
N ASP B 388 -17.69 1.41 -41.49
CA ASP B 388 -17.35 0.92 -42.83
C ASP B 388 -15.90 0.50 -42.94
N SER B 389 -15.01 1.44 -42.67
CA SER B 389 -13.58 1.18 -42.74
C SER B 389 -13.22 -0.17 -42.13
N LEU B 390 -13.53 -0.35 -40.84
CA LEU B 390 -13.24 -1.59 -40.14
C LEU B 390 -14.00 -2.80 -40.66
N LEU B 391 -15.28 -2.62 -40.93
CA LEU B 391 -16.11 -3.70 -41.43
C LEU B 391 -15.66 -4.11 -42.84
N GLY B 392 -14.97 -3.20 -43.52
CA GLY B 392 -14.48 -3.50 -44.86
C GLY B 392 -13.17 -4.26 -44.74
N ASP B 393 -12.35 -3.86 -43.76
CA ASP B 393 -11.08 -4.50 -43.52
C ASP B 393 -11.36 -5.91 -43.02
N LEU B 394 -12.46 -6.05 -42.28
CA LEU B 394 -12.87 -7.33 -41.74
C LEU B 394 -13.35 -8.22 -42.87
N ALA B 395 -13.83 -7.59 -43.94
CA ALA B 395 -14.32 -8.31 -45.10
C ALA B 395 -13.15 -8.93 -45.87
N ALA B 396 -12.01 -8.23 -45.87
CA ALA B 396 -10.82 -8.70 -46.56
C ALA B 396 -10.01 -9.63 -45.67
N THR B 397 -10.70 -10.52 -44.96
CA THR B 397 -10.03 -11.47 -44.08
C THR B 397 -10.81 -12.78 -44.00
N ASP B 398 -10.13 -13.85 -43.59
CA ASP B 398 -10.74 -15.16 -43.47
C ASP B 398 -11.96 -15.16 -42.58
N ASN B 399 -12.01 -14.20 -41.65
CA ASN B 399 -13.14 -14.09 -40.73
C ASN B 399 -14.42 -13.73 -41.45
N ASN B 400 -14.30 -13.07 -42.60
CA ASN B 400 -15.43 -12.64 -43.39
C ASN B 400 -16.53 -13.69 -43.49
N GLN B 401 -16.15 -14.96 -43.49
CA GLN B 401 -17.12 -16.05 -43.59
C GLN B 401 -17.73 -16.48 -42.26
N HIS B 402 -17.67 -15.60 -41.26
CA HIS B 402 -18.22 -15.92 -39.95
C HIS B 402 -19.27 -14.92 -39.46
N ILE B 403 -19.22 -13.70 -39.97
CA ILE B 403 -20.16 -12.68 -39.51
C ILE B 403 -21.44 -12.56 -40.34
N ASN B 404 -22.55 -12.45 -39.62
CA ASN B 404 -23.88 -12.32 -40.20
C ASN B 404 -24.02 -10.94 -40.85
N TRP B 405 -23.58 -10.83 -42.11
CA TRP B 405 -23.63 -9.55 -42.83
C TRP B 405 -25.01 -8.89 -42.93
N ASP B 406 -26.06 -9.70 -42.94
CA ASP B 406 -27.42 -9.17 -43.03
C ASP B 406 -27.81 -8.43 -41.75
N LYS B 407 -27.30 -8.92 -40.63
CA LYS B 407 -27.58 -8.32 -39.32
C LYS B 407 -26.80 -7.01 -39.24
N VAL B 408 -25.62 -7.00 -39.87
CA VAL B 408 -24.78 -5.81 -39.89
C VAL B 408 -25.43 -4.66 -40.64
N ALA B 409 -26.06 -4.95 -41.77
CA ALA B 409 -26.72 -3.93 -42.56
C ALA B 409 -28.01 -3.48 -41.88
N GLU B 410 -28.51 -4.29 -40.94
CA GLU B 410 -29.73 -3.97 -40.22
C GLU B 410 -29.50 -2.93 -39.10
N LEU B 411 -28.33 -3.01 -38.46
CA LEU B 411 -27.99 -2.10 -37.38
C LEU B 411 -27.12 -0.95 -37.84
N LYS B 412 -26.44 -1.16 -38.97
CA LYS B 412 -25.55 -0.16 -39.56
C LYS B 412 -26.17 1.24 -39.51
N PRO B 413 -27.47 1.37 -39.84
CA PRO B 413 -28.16 2.66 -39.85
C PRO B 413 -28.22 3.39 -38.50
N PHE B 414 -28.01 2.67 -37.40
CA PHE B 414 -28.04 3.30 -36.08
C PHE B 414 -26.66 3.81 -35.66
N GLY B 415 -25.65 3.45 -36.44
CA GLY B 415 -24.29 3.90 -36.17
C GLY B 415 -23.48 3.10 -35.17
N GLY B 416 -23.64 3.40 -33.89
CA GLY B 416 -22.90 2.70 -32.86
C GLY B 416 -23.38 3.05 -31.46
N ILE B 417 -22.64 2.56 -30.47
CA ILE B 417 -23.00 2.78 -29.08
C ILE B 417 -21.80 2.98 -28.16
N ARG B 418 -21.99 3.84 -27.17
CA ARG B 418 -20.98 4.10 -26.16
C ARG B 418 -21.68 4.68 -24.95
N ILE B 419 -21.39 4.12 -23.79
CA ILE B 419 -21.95 4.56 -22.54
C ILE B 419 -20.77 4.80 -21.64
N GLU B 420 -20.69 6.02 -21.13
CA GLU B 420 -19.56 6.40 -20.30
C GLU B 420 -19.90 7.19 -19.05
N ASP B 421 -19.30 6.79 -17.93
CA ASP B 421 -19.49 7.48 -16.65
C ASP B 421 -18.13 7.81 -16.06
N ASN B 422 -18.14 8.67 -15.05
CA ASN B 422 -16.93 9.06 -14.35
C ASN B 422 -17.08 8.52 -12.93
N ILE B 423 -16.17 7.62 -12.57
CA ILE B 423 -16.21 6.96 -11.28
C ILE B 423 -15.01 7.23 -10.38
N ILE B 424 -15.31 7.69 -9.17
CA ILE B 424 -14.25 7.93 -8.18
C ILE B 424 -14.04 6.59 -7.48
N VAL B 425 -12.79 6.21 -7.27
CA VAL B 425 -12.48 4.97 -6.57
C VAL B 425 -12.02 5.31 -5.16
N HIS B 426 -12.85 4.98 -4.18
CA HIS B 426 -12.51 5.23 -2.78
C HIS B 426 -11.86 3.96 -2.25
N GLU B 427 -11.16 4.06 -1.13
CA GLU B 427 -10.49 2.91 -0.55
C GLU B 427 -11.46 1.77 -0.23
N ASP B 428 -12.68 2.15 0.17
CA ASP B 428 -13.70 1.20 0.57
C ASP B 428 -14.78 0.88 -0.45
N SER B 429 -14.99 1.78 -1.41
CA SER B 429 -16.04 1.57 -2.41
C SER B 429 -15.94 2.55 -3.58
N LEU B 430 -16.80 2.33 -4.58
CA LEU B 430 -16.85 3.18 -5.77
C LEU B 430 -17.98 4.20 -5.66
N GLU B 431 -17.78 5.37 -6.27
CA GLU B 431 -18.77 6.42 -6.30
C GLU B 431 -18.94 6.83 -7.75
N ASN B 432 -19.95 6.28 -8.42
CA ASN B 432 -20.21 6.63 -9.81
C ASN B 432 -20.90 7.99 -9.78
N MET B 433 -20.14 9.07 -9.95
CA MET B 433 -20.71 10.40 -9.93
C MET B 433 -21.87 10.55 -10.87
N THR B 434 -21.70 10.02 -12.07
CA THR B 434 -22.68 10.11 -13.13
C THR B 434 -24.02 9.44 -12.86
N ARG B 435 -23.98 8.22 -12.33
CA ARG B 435 -25.23 7.54 -12.06
C ARG B 435 -25.86 7.96 -10.73
N GLU B 436 -25.06 8.44 -9.78
CA GLU B 436 -25.64 8.91 -8.53
C GLU B 436 -26.40 10.19 -8.83
N LEU B 437 -26.11 10.78 -9.99
CA LEU B 437 -26.79 11.99 -10.46
C LEU B 437 -28.07 11.57 -11.17
N ARG B 438 -28.27 10.27 -11.26
CA ARG B 438 -29.47 9.69 -11.86
C ARG B 438 -29.62 9.90 -13.36
N LEU B 439 -28.52 9.85 -14.08
CA LEU B 439 -28.57 9.97 -15.53
C LEU B 439 -28.69 8.52 -15.97
N ARG B 440 -29.89 8.12 -16.36
CA ARG B 440 -30.12 6.75 -16.81
C ARG B 440 -29.17 6.34 -17.94
N MET C 1 18.69 29.43 5.01
CA MET C 1 20.09 29.26 5.50
C MET C 1 20.73 27.94 5.07
N ASN C 2 20.86 27.01 6.01
CA ASN C 2 21.47 25.71 5.74
C ASN C 2 20.53 24.75 5.01
N LYS C 3 21.10 23.95 4.11
CA LYS C 3 20.33 22.99 3.33
C LYS C 3 19.67 21.92 4.19
N LEU C 4 20.47 21.01 4.76
CA LEU C 4 19.94 19.94 5.59
C LEU C 4 19.15 20.46 6.79
N ALA C 5 19.49 21.66 7.25
CA ALA C 5 18.82 22.26 8.39
C ALA C 5 17.30 22.07 8.41
N VAL C 6 16.68 22.23 7.25
CA VAL C 6 15.23 22.08 7.14
C VAL C 6 14.75 20.63 7.25
N LEU C 7 15.26 19.76 6.38
CA LEU C 7 14.85 18.36 6.38
C LEU C 7 15.00 17.67 7.74
N TYR C 8 15.83 18.24 8.61
CA TYR C 8 16.08 17.66 9.92
C TYR C 8 14.87 17.71 10.85
N ALA C 9 14.14 18.82 10.82
CA ALA C 9 12.96 18.99 11.65
C ALA C 9 12.07 17.77 11.53
N GLU C 10 11.75 17.39 10.30
CA GLU C 10 10.91 16.22 10.09
C GLU C 10 11.61 14.95 10.51
N HIS C 11 12.95 14.98 10.51
CA HIS C 11 13.73 13.81 10.90
C HIS C 11 13.45 13.54 12.37
N ILE C 12 13.58 14.58 13.18
CA ILE C 12 13.31 14.45 14.61
C ILE C 12 11.87 13.99 14.81
N ALA C 13 10.94 14.76 14.23
CA ALA C 13 9.53 14.44 14.33
C ALA C 13 9.30 12.97 14.02
N THR C 14 9.88 12.49 12.92
CA THR C 14 9.71 11.10 12.54
C THR C 14 10.26 10.13 13.58
N LEU C 15 11.43 10.41 14.12
CA LEU C 15 11.98 9.51 15.13
C LEU C 15 11.19 9.58 16.43
N GLN C 16 10.70 10.76 16.77
CA GLN C 16 9.89 10.92 18.00
C GLN C 16 8.68 10.01 17.92
N LYS C 17 7.96 10.11 16.81
CA LYS C 17 6.76 9.33 16.55
C LYS C 17 6.98 7.83 16.66
N ARG C 18 8.04 7.34 16.03
CA ARG C 18 8.35 5.92 16.07
C ARG C 18 8.67 5.50 17.51
N THR C 19 9.19 6.45 18.29
CA THR C 19 9.53 6.19 19.68
C THR C 19 8.26 6.09 20.51
N ARG C 20 7.36 7.06 20.36
CA ARG C 20 6.10 7.06 21.10
C ARG C 20 5.38 5.74 20.96
N GLU C 21 5.18 5.28 19.72
CA GLU C 21 4.47 4.04 19.50
C GLU C 21 5.21 2.77 19.92
N ILE C 22 6.53 2.85 20.06
CA ILE C 22 7.27 1.67 20.48
C ILE C 22 7.33 1.55 22.01
N ILE C 23 7.36 2.69 22.71
CA ILE C 23 7.41 2.63 24.17
C ILE C 23 6.04 2.25 24.77
N GLU C 24 4.97 2.71 24.14
CA GLU C 24 3.62 2.39 24.60
C GLU C 24 3.35 0.91 24.42
N ARG C 25 3.74 0.38 23.26
CA ARG C 25 3.54 -1.03 22.96
C ARG C 25 4.34 -1.95 23.87
N GLU C 26 5.45 -1.45 24.42
CA GLU C 26 6.29 -2.27 25.28
C GLU C 26 6.21 -1.85 26.74
N ASN C 27 5.32 -0.90 27.02
CA ASN C 27 5.15 -0.41 28.38
C ASN C 27 6.48 0.05 28.95
N LEU C 28 6.99 1.15 28.41
CA LEU C 28 8.26 1.72 28.85
C LEU C 28 8.07 3.20 29.05
N ASP C 29 8.88 3.81 29.91
CA ASP C 29 8.78 5.24 30.15
C ASP C 29 9.59 5.95 29.09
N GLY C 30 10.65 5.29 28.60
CA GLY C 30 11.51 5.87 27.58
C GLY C 30 12.60 4.95 27.07
N VAL C 31 13.43 5.45 26.15
CA VAL C 31 14.53 4.67 25.58
C VAL C 31 15.86 5.42 25.68
N VAL C 32 16.92 4.71 26.08
CA VAL C 32 18.25 5.33 26.21
C VAL C 32 19.23 4.79 25.17
N PHE C 33 19.80 5.70 24.39
CA PHE C 33 20.75 5.35 23.34
C PHE C 33 22.17 5.74 23.73
N HIS C 34 23.06 4.76 23.73
CA HIS C 34 24.45 4.98 24.09
C HIS C 34 25.35 5.03 22.84
N SER C 35 26.03 6.15 22.62
CA SER C 35 26.91 6.28 21.45
C SER C 35 28.03 5.23 21.45
N GLY C 36 28.53 4.90 22.64
CA GLY C 36 29.57 3.89 22.76
C GLY C 36 30.82 4.37 23.48
N GLN C 37 31.91 3.64 23.33
CA GLN C 37 33.19 3.99 23.95
C GLN C 37 34.36 3.54 23.09
N ALA C 38 35.56 4.04 23.40
CA ALA C 38 36.77 3.67 22.66
C ALA C 38 37.31 2.40 23.29
N LYS C 39 37.52 1.37 22.47
CA LYS C 39 38.05 0.09 22.96
C LYS C 39 39.58 0.14 23.07
N ARG C 40 40.08 -0.03 24.30
CA ARG C 40 41.52 -0.01 24.54
C ARG C 40 42.18 -1.30 24.06
N GLN C 41 43.34 -1.16 23.43
CA GLN C 41 44.09 -2.30 22.93
C GLN C 41 44.72 -3.08 24.08
N PHE C 42 44.66 -4.41 24.00
CA PHE C 42 45.18 -5.28 25.04
C PHE C 42 46.64 -5.01 25.43
N LEU C 43 46.83 -4.73 26.72
CA LEU C 43 48.14 -4.46 27.32
C LEU C 43 48.76 -3.17 26.86
N ASP C 44 48.03 -2.41 26.04
CA ASP C 44 48.56 -1.17 25.51
C ASP C 44 47.79 0.05 26.01
N ASP C 45 48.33 1.22 25.72
CA ASP C 45 47.68 2.46 26.12
C ASP C 45 47.09 3.11 24.87
N MET C 46 46.97 2.32 23.80
CA MET C 46 46.40 2.77 22.52
C MET C 46 44.96 2.25 22.39
N TYR C 47 44.16 2.93 21.57
CA TYR C 47 42.77 2.54 21.35
C TYR C 47 42.46 2.20 19.90
N TYR C 48 41.38 1.44 19.70
CA TYR C 48 40.95 1.09 18.35
C TYR C 48 40.22 2.32 17.83
N PRO C 49 40.09 2.47 16.51
CA PRO C 49 39.38 3.68 16.09
C PRO C 49 37.93 3.55 16.59
N PHE C 50 37.31 4.67 16.94
CA PHE C 50 35.95 4.68 17.45
C PHE C 50 34.87 4.43 16.41
N LYS C 51 33.91 3.57 16.74
CA LYS C 51 32.79 3.26 15.85
C LYS C 51 31.50 3.47 16.64
N VAL C 52 30.75 4.52 16.29
CA VAL C 52 29.51 4.84 16.99
C VAL C 52 28.42 3.80 16.82
N ASN C 53 27.58 3.69 17.84
CA ASN C 53 26.45 2.76 17.80
C ASN C 53 25.47 3.33 16.77
N PRO C 54 25.07 2.50 15.79
CA PRO C 54 24.14 2.86 14.71
C PRO C 54 22.85 3.49 15.23
N GLN C 55 22.27 2.88 16.26
CA GLN C 55 21.03 3.37 16.87
C GLN C 55 21.18 4.76 17.46
N PHE C 56 22.41 5.23 17.67
CA PHE C 56 22.61 6.57 18.22
C PHE C 56 22.74 7.61 17.14
N LYS C 57 23.54 7.31 16.10
CA LYS C 57 23.74 8.25 15.02
C LYS C 57 22.46 8.32 14.17
N ALA C 58 21.52 7.43 14.45
CA ALA C 58 20.25 7.43 13.72
C ALA C 58 19.50 8.72 14.04
N TRP C 59 19.83 9.32 15.17
CA TRP C 59 19.18 10.56 15.61
C TRP C 59 19.88 11.83 15.17
N LEU C 60 21.21 11.85 15.22
CA LEU C 60 21.96 13.05 14.84
C LEU C 60 23.34 12.72 14.26
N PRO C 61 23.96 13.69 13.55
CA PRO C 61 25.27 13.55 12.92
C PRO C 61 26.47 13.73 13.88
N VAL C 62 26.57 12.85 14.86
CA VAL C 62 27.67 12.85 15.83
C VAL C 62 28.16 11.41 15.85
N ILE C 63 29.16 11.13 15.02
CA ILE C 63 29.69 9.78 14.90
C ILE C 63 31.14 9.59 15.38
N ASP C 64 31.74 10.63 15.94
CA ASP C 64 33.12 10.56 16.39
C ASP C 64 33.21 10.94 17.86
N ASN C 65 32.19 10.56 18.64
CA ASN C 65 32.20 10.92 20.04
C ASN C 65 31.57 9.88 20.94
N PRO C 66 32.42 9.18 21.73
CA PRO C 66 31.99 8.14 22.66
C PRO C 66 31.47 8.80 23.94
N HIS C 67 30.87 8.00 24.81
CA HIS C 67 30.32 8.50 26.07
C HIS C 67 29.24 9.56 25.88
N CYS C 68 28.39 9.34 24.88
CA CYS C 68 27.28 10.25 24.60
C CYS C 68 26.00 9.44 24.77
N TRP C 69 25.00 10.06 25.39
CA TRP C 69 23.74 9.37 25.62
C TRP C 69 22.51 10.12 25.13
N ILE C 70 21.54 9.37 24.62
CA ILE C 70 20.30 9.94 24.15
C ILE C 70 19.16 9.23 24.85
N VAL C 71 18.43 9.96 25.69
CA VAL C 71 17.28 9.39 26.39
C VAL C 71 16.04 10.08 25.85
N ALA C 72 15.07 9.28 25.42
CA ALA C 72 13.85 9.86 24.87
C ALA C 72 12.62 9.00 25.09
N ASN C 73 11.45 9.62 24.93
CA ASN C 73 10.17 8.92 25.08
C ASN C 73 9.27 9.17 23.86
N GLY C 74 9.57 10.22 23.10
CA GLY C 74 8.80 10.51 21.92
C GLY C 74 7.92 11.74 22.06
N THR C 75 7.64 12.10 23.30
CA THR C 75 6.79 13.26 23.57
C THR C 75 7.67 14.43 24.02
N ASP C 76 8.54 14.16 25.00
CA ASP C 76 9.44 15.19 25.49
C ASP C 76 10.58 15.40 24.53
N LYS C 77 11.19 16.58 24.62
CA LYS C 77 12.32 16.92 23.77
C LYS C 77 13.41 15.91 24.10
N PRO C 78 13.99 15.27 23.07
CA PRO C 78 15.05 14.28 23.32
C PRO C 78 16.23 14.88 24.09
N LYS C 79 16.70 14.13 25.09
CA LYS C 79 17.82 14.54 25.91
C LYS C 79 19.15 14.03 25.35
N LEU C 80 20.11 14.93 25.19
CA LEU C 80 21.42 14.57 24.67
C LEU C 80 22.54 14.85 25.65
N ILE C 81 23.22 13.79 26.07
CA ILE C 81 24.35 13.93 26.98
C ILE C 81 25.58 13.97 26.07
N PHE C 82 26.12 15.18 25.88
CA PHE C 82 27.26 15.42 24.99
C PHE C 82 28.62 15.37 25.69
N TYR C 83 29.42 14.37 25.35
CA TYR C 83 30.74 14.24 25.95
C TYR C 83 31.69 15.29 25.39
N ARG C 84 32.03 16.28 26.21
CA ARG C 84 32.93 17.36 25.82
C ARG C 84 33.94 17.59 26.93
N PRO C 85 35.05 16.84 26.92
CA PRO C 85 36.11 16.97 27.93
C PRO C 85 36.97 18.21 27.72
N VAL C 86 37.69 18.62 28.75
CA VAL C 86 38.57 19.78 28.68
C VAL C 86 39.92 19.49 29.31
N ASP C 87 40.97 19.93 28.62
CA ASP C 87 42.36 19.76 29.06
C ASP C 87 43.25 20.13 27.88
N PHE C 88 44.46 20.60 28.16
CA PHE C 88 45.39 21.03 27.12
C PHE C 88 45.83 19.96 26.11
N TRP C 89 46.02 18.73 26.55
CA TRP C 89 46.45 17.66 25.66
C TRP C 89 45.67 17.58 24.36
N HIS C 90 44.36 17.82 24.41
CA HIS C 90 43.52 17.75 23.22
C HIS C 90 42.92 19.10 22.81
N LYS C 91 42.38 19.15 21.60
CA LYS C 91 41.76 20.36 21.08
C LYS C 91 40.30 20.33 21.48
N VAL C 92 39.89 21.28 22.31
CA VAL C 92 38.51 21.33 22.77
C VAL C 92 37.65 22.09 21.78
N PRO C 93 36.66 21.41 21.17
CA PRO C 93 35.74 22.01 20.20
C PRO C 93 34.69 22.89 20.86
N ASP C 94 34.10 23.79 20.09
CA ASP C 94 33.06 24.67 20.61
C ASP C 94 31.86 23.83 21.01
N GLU C 95 30.99 24.39 21.85
CA GLU C 95 29.79 23.67 22.26
C GLU C 95 28.92 23.50 21.02
N PRO C 96 28.14 22.41 20.97
CA PRO C 96 27.26 22.13 19.83
C PRO C 96 26.42 23.33 19.39
N ASN C 97 26.71 23.88 18.21
CA ASN C 97 25.97 25.02 17.69
C ASN C 97 25.55 24.84 16.25
N GLU C 98 25.35 23.59 15.84
CA GLU C 98 24.90 23.33 14.49
C GLU C 98 23.38 23.15 14.54
N TYR C 99 22.74 23.32 13.40
CA TYR C 99 21.29 23.20 13.29
C TYR C 99 20.64 22.12 14.18
N TRP C 100 21.24 20.94 14.27
CA TRP C 100 20.65 19.86 15.08
C TRP C 100 20.70 20.06 16.58
N ALA C 101 21.54 20.98 17.05
CA ALA C 101 21.68 21.25 18.47
C ALA C 101 20.37 21.66 19.14
N ASP C 102 19.67 22.61 18.52
CA ASP C 102 18.42 23.13 19.06
C ASP C 102 17.31 22.08 19.23
N TYR C 103 17.45 20.92 18.61
CA TYR C 103 16.43 19.89 18.73
C TYR C 103 16.63 19.00 19.95
N PHE C 104 17.64 19.32 20.76
CA PHE C 104 17.92 18.53 21.95
C PHE C 104 18.13 19.38 23.20
N ASP C 105 17.83 18.80 24.36
CA ASP C 105 18.09 19.47 25.63
C ASP C 105 19.47 18.91 25.90
N ILE C 106 20.50 19.75 25.71
CA ILE C 106 21.88 19.30 25.88
C ILE C 106 22.58 19.57 27.20
N GLU C 107 23.15 18.51 27.77
CA GLU C 107 23.91 18.58 29.01
C GLU C 107 25.33 18.11 28.69
N LEU C 108 26.31 18.96 29.00
CA LEU C 108 27.70 18.63 28.75
C LEU C 108 28.29 17.67 29.79
N LEU C 109 28.98 16.64 29.32
CA LEU C 109 29.60 15.65 30.19
C LEU C 109 31.13 15.79 30.01
N VAL C 110 31.82 16.20 31.07
CA VAL C 110 33.26 16.37 30.99
C VAL C 110 34.03 15.09 31.30
N LYS C 111 33.39 14.16 31.99
CA LYS C 111 34.01 12.88 32.32
C LYS C 111 32.99 11.76 32.27
N PRO C 112 33.35 10.64 31.64
CA PRO C 112 32.52 9.44 31.47
C PRO C 112 31.77 8.93 32.71
N ASP C 113 32.45 8.90 33.85
CA ASP C 113 31.84 8.41 35.08
C ASP C 113 30.78 9.32 35.67
N GLN C 114 30.82 10.60 35.28
CA GLN C 114 29.85 11.58 35.78
C GLN C 114 28.54 11.56 35.00
N VAL C 115 28.16 10.39 34.49
CA VAL C 115 26.94 10.27 33.71
C VAL C 115 25.69 9.93 34.53
N GLU C 116 25.84 9.07 35.54
CA GLU C 116 24.71 8.66 36.38
C GLU C 116 23.86 9.81 36.90
N LYS C 117 24.50 10.96 37.12
CA LYS C 117 23.79 12.13 37.64
C LYS C 117 22.95 12.84 36.58
N LEU C 118 23.02 12.37 35.35
CA LEU C 118 22.27 12.99 34.26
C LEU C 118 21.23 12.04 33.67
N LEU C 119 21.28 10.77 34.09
CA LEU C 119 20.34 9.77 33.61
C LEU C 119 19.08 9.75 34.48
N PRO C 120 18.02 9.05 34.03
CA PRO C 120 16.77 8.96 34.78
C PRO C 120 16.99 8.37 36.17
N TYR C 121 16.13 8.74 37.13
CA TYR C 121 16.26 8.23 38.47
C TYR C 121 15.82 6.78 38.54
N ASP C 122 14.64 6.48 38.00
CA ASP C 122 14.14 5.10 38.00
C ASP C 122 14.28 4.47 36.63
N LYS C 123 15.31 3.65 36.47
CA LYS C 123 15.62 2.99 35.21
C LYS C 123 14.86 1.69 34.94
N ALA C 124 14.00 1.29 35.87
CA ALA C 124 13.24 0.06 35.73
C ALA C 124 12.48 -0.07 34.41
N ARG C 125 12.02 1.06 33.86
CA ARG C 125 11.28 1.04 32.61
C ARG C 125 11.99 1.70 31.42
N PHE C 126 13.28 1.96 31.56
CA PHE C 126 14.04 2.56 30.46
C PHE C 126 14.86 1.48 29.78
N ALA C 127 14.72 1.35 28.47
CA ALA C 127 15.47 0.36 27.73
C ALA C 127 16.82 0.95 27.32
N TYR C 128 17.90 0.26 27.63
CA TYR C 128 19.23 0.73 27.26
C TYR C 128 19.59 0.09 25.93
N ILE C 129 19.90 0.95 24.96
CA ILE C 129 20.27 0.49 23.63
C ILE C 129 21.74 0.84 23.45
N GLY C 130 22.59 -0.18 23.49
CA GLY C 130 24.01 0.05 23.35
C GLY C 130 24.77 -1.26 23.54
N GLU C 131 26.08 -1.21 23.30
CA GLU C 131 26.92 -2.38 23.40
C GLU C 131 27.51 -2.68 24.78
N TYR C 132 27.60 -1.67 25.64
CA TYR C 132 28.20 -1.84 26.96
C TYR C 132 27.24 -2.25 28.08
N LEU C 133 26.87 -3.53 28.04
CA LEU C 133 25.96 -4.15 28.99
C LEU C 133 26.39 -3.97 30.45
N GLU C 134 27.61 -4.39 30.77
CA GLU C 134 28.12 -4.28 32.12
C GLU C 134 28.04 -2.84 32.65
N VAL C 135 28.33 -1.87 31.79
CA VAL C 135 28.30 -0.46 32.19
C VAL C 135 26.86 0.01 32.42
N ALA C 136 25.94 -0.50 31.61
CA ALA C 136 24.54 -0.13 31.73
C ALA C 136 24.01 -0.69 33.04
N GLN C 137 24.30 -1.96 33.28
CA GLN C 137 23.89 -2.66 34.49
C GLN C 137 24.35 -1.86 35.71
N ALA C 138 25.65 -1.56 35.75
CA ALA C 138 26.24 -0.82 36.85
C ALA C 138 25.58 0.53 37.08
N LEU C 139 24.88 1.05 36.07
CA LEU C 139 24.22 2.34 36.21
C LEU C 139 22.82 2.18 36.80
N GLY C 140 22.27 0.96 36.67
CA GLY C 140 20.94 0.71 37.19
C GLY C 140 19.97 0.12 36.19
N PHE C 141 20.38 0.11 34.92
CA PHE C 141 19.54 -0.42 33.84
C PHE C 141 19.36 -1.92 33.96
N GLU C 142 18.22 -2.41 33.50
CA GLU C 142 17.90 -3.84 33.55
C GLU C 142 17.56 -4.36 32.16
N LEU C 143 16.86 -3.52 31.40
CA LEU C 143 16.44 -3.88 30.05
C LEU C 143 17.54 -3.56 29.02
N MET C 144 18.30 -4.60 28.67
CA MET C 144 19.41 -4.49 27.72
C MET C 144 19.00 -4.81 26.30
N ASN C 145 18.91 -3.80 25.45
CA ASN C 145 18.55 -3.99 24.05
C ASN C 145 17.40 -4.96 23.82
N PRO C 146 16.22 -4.68 24.39
CA PRO C 146 15.06 -5.56 24.22
C PRO C 146 14.76 -5.84 22.74
N GLU C 147 14.69 -7.12 22.36
CA GLU C 147 14.47 -7.49 20.96
C GLU C 147 13.31 -6.82 20.25
N PRO C 148 12.12 -6.74 20.88
CA PRO C 148 11.03 -6.08 20.16
C PRO C 148 11.35 -4.63 19.81
N VAL C 149 12.12 -3.96 20.66
CA VAL C 149 12.49 -2.56 20.40
C VAL C 149 13.52 -2.50 19.28
N MET C 150 14.47 -3.42 19.29
CA MET C 150 15.51 -3.47 18.26
C MET C 150 14.88 -3.73 16.90
N ASN C 151 14.01 -4.75 16.84
CA ASN C 151 13.33 -5.11 15.60
C ASN C 151 12.47 -3.95 15.09
N PHE C 152 11.94 -3.16 16.02
CA PHE C 152 11.09 -2.03 15.65
C PHE C 152 11.83 -0.96 14.86
N TYR C 153 12.76 -0.26 15.52
CA TYR C 153 13.55 0.78 14.85
C TYR C 153 14.20 0.27 13.58
N HIS C 154 14.77 -0.92 13.64
CA HIS C 154 15.42 -1.52 12.49
C HIS C 154 14.45 -1.63 11.32
N TYR C 155 13.24 -2.08 11.62
CA TYR C 155 12.21 -2.21 10.57
C TYR C 155 11.95 -0.86 9.92
N HIS C 156 11.81 0.17 10.74
CA HIS C 156 11.52 1.51 10.26
C HIS C 156 12.71 2.24 9.67
N ARG C 157 13.91 1.74 9.94
CA ARG C 157 15.12 2.35 9.40
C ARG C 157 15.12 2.11 7.90
N ALA C 158 14.35 1.12 7.45
CA ALA C 158 14.28 0.79 6.04
C ALA C 158 13.59 1.89 5.26
N TYR C 159 12.90 2.78 5.98
CA TYR C 159 12.19 3.89 5.36
C TYR C 159 12.90 5.17 5.75
N LYS C 160 13.68 5.70 4.80
CA LYS C 160 14.46 6.92 5.02
C LYS C 160 13.63 8.19 5.02
N THR C 161 14.01 9.11 5.89
CA THR C 161 13.35 10.40 5.97
C THR C 161 13.96 11.24 4.85
N GLN C 162 13.50 12.47 4.70
CA GLN C 162 14.03 13.34 3.65
C GLN C 162 15.47 13.68 3.98
N TYR C 163 15.73 13.92 5.25
CA TYR C 163 17.08 14.23 5.72
C TYR C 163 18.02 13.06 5.40
N GLU C 164 17.58 11.86 5.70
CA GLU C 164 18.43 10.70 5.44
C GLU C 164 18.74 10.54 3.96
N LEU C 165 17.75 10.79 3.11
CA LEU C 165 17.94 10.69 1.67
C LEU C 165 18.92 11.74 1.18
N ALA C 166 18.85 12.94 1.74
CA ALA C 166 19.76 14.00 1.35
C ALA C 166 21.17 13.54 1.70
N CYS C 167 21.37 13.17 2.97
CA CYS C 167 22.66 12.71 3.44
C CYS C 167 23.24 11.63 2.57
N MET C 168 22.39 10.69 2.16
CA MET C 168 22.87 9.60 1.33
C MET C 168 23.27 10.09 -0.06
N ARG C 169 22.70 11.21 -0.48
CA ARG C 169 23.03 11.79 -1.78
C ARG C 169 24.42 12.38 -1.68
N GLU C 170 24.66 13.13 -0.61
CA GLU C 170 25.94 13.76 -0.40
C GLU C 170 27.04 12.68 -0.28
N ALA C 171 26.70 11.55 0.32
CA ALA C 171 27.66 10.47 0.49
C ALA C 171 27.96 9.82 -0.86
N ASN C 172 26.95 9.75 -1.72
CA ASN C 172 27.15 9.16 -3.02
C ASN C 172 27.98 10.11 -3.88
N LYS C 173 27.81 11.40 -3.64
CA LYS C 173 28.53 12.42 -4.39
C LYS C 173 30.03 12.29 -4.12
N ILE C 174 30.40 12.20 -2.85
CA ILE C 174 31.79 12.05 -2.45
C ILE C 174 32.35 10.74 -2.99
N ALA C 175 31.60 9.66 -2.83
CA ALA C 175 32.07 8.37 -3.33
C ALA C 175 32.39 8.43 -4.82
N VAL C 176 31.50 9.05 -5.60
CA VAL C 176 31.69 9.16 -7.05
C VAL C 176 32.96 9.92 -7.41
N GLN C 177 33.24 11.01 -6.69
CA GLN C 177 34.45 11.77 -6.93
C GLN C 177 35.63 10.80 -6.75
N GLY C 178 35.54 9.96 -5.72
CA GLY C 178 36.59 9.01 -5.44
C GLY C 178 36.74 7.92 -6.49
N HIS C 179 35.61 7.44 -7.01
CA HIS C 179 35.61 6.41 -8.04
C HIS C 179 36.21 6.87 -9.37
N LYS C 180 36.12 8.15 -9.67
CA LYS C 180 36.67 8.66 -10.92
C LYS C 180 38.18 8.78 -10.80
N ALA C 181 38.67 9.15 -9.62
CA ALA C 181 40.09 9.29 -9.40
C ALA C 181 40.76 7.92 -9.43
N ALA C 182 40.11 6.95 -8.78
CA ALA C 182 40.65 5.59 -8.74
C ALA C 182 40.62 4.97 -10.12
N ARG C 183 39.61 5.34 -10.89
CA ARG C 183 39.45 4.83 -12.24
C ARG C 183 40.60 5.35 -13.12
N ASP C 184 40.94 6.62 -12.94
CA ASP C 184 42.03 7.23 -13.69
C ASP C 184 43.36 6.59 -13.31
N ALA C 185 43.57 6.35 -12.02
CA ALA C 185 44.81 5.73 -11.56
C ALA C 185 44.99 4.35 -12.21
N PHE C 186 43.88 3.63 -12.39
CA PHE C 186 43.94 2.30 -13.01
C PHE C 186 44.50 2.35 -14.42
N PHE C 187 44.02 3.31 -15.21
CA PHE C 187 44.48 3.44 -16.57
C PHE C 187 45.92 3.97 -16.63
N GLN C 188 46.39 4.54 -15.52
CA GLN C 188 47.75 5.08 -15.45
C GLN C 188 48.70 3.99 -14.96
N GLY C 189 48.21 2.75 -14.91
CA GLY C 189 49.02 1.63 -14.49
C GLY C 189 49.47 1.59 -13.04
N LYS C 190 48.84 2.39 -12.18
CA LYS C 190 49.23 2.41 -10.77
C LYS C 190 48.87 1.11 -10.07
N SER C 191 49.41 0.90 -8.86
CA SER C 191 49.12 -0.31 -8.10
C SER C 191 47.86 -0.17 -7.24
N GLU C 192 47.37 -1.30 -6.74
CA GLU C 192 46.18 -1.29 -5.90
C GLU C 192 46.33 -0.25 -4.80
N PHE C 193 47.47 -0.28 -4.12
CA PHE C 193 47.75 0.65 -3.02
C PHE C 193 47.60 2.09 -3.48
N GLU C 194 48.27 2.45 -4.58
CA GLU C 194 48.22 3.82 -5.08
C GLU C 194 46.82 4.25 -5.51
N ILE C 195 46.09 3.34 -6.16
CA ILE C 195 44.74 3.61 -6.62
C ILE C 195 43.92 3.97 -5.38
N GLN C 196 44.06 3.15 -4.34
CA GLN C 196 43.38 3.36 -3.06
C GLN C 196 43.71 4.73 -2.50
N GLN C 197 44.99 5.09 -2.49
CA GLN C 197 45.38 6.39 -1.96
C GLN C 197 44.73 7.49 -2.79
N ALA C 198 44.63 7.27 -4.09
CA ALA C 198 44.03 8.29 -4.94
C ALA C 198 42.55 8.44 -4.59
N TYR C 199 41.91 7.33 -4.22
CA TYR C 199 40.51 7.36 -3.84
C TYR C 199 40.34 8.15 -2.55
N LEU C 200 41.18 7.89 -1.57
CA LEU C 200 41.09 8.59 -0.29
C LEU C 200 41.34 10.07 -0.44
N LEU C 201 42.31 10.44 -1.27
CA LEU C 201 42.61 11.84 -1.47
C LEU C 201 41.45 12.56 -2.11
N ALA C 202 40.89 11.96 -3.16
CA ALA C 202 39.77 12.56 -3.89
C ALA C 202 38.49 12.64 -3.06
N THR C 203 38.34 11.75 -2.08
CA THR C 203 37.16 11.76 -1.22
C THR C 203 37.46 12.47 0.10
N GLN C 204 38.74 12.80 0.31
CA GLN C 204 39.15 13.46 1.55
C GLN C 204 38.80 12.61 2.78
N HIS C 205 38.84 11.30 2.59
CA HIS C 205 38.56 10.34 3.66
C HIS C 205 39.81 9.66 4.19
N SER C 206 39.95 9.61 5.51
CA SER C 206 41.09 8.88 6.09
C SER C 206 40.58 7.45 5.98
N GLU C 207 41.45 6.46 6.11
CA GLU C 207 40.99 5.09 5.98
C GLU C 207 39.88 4.71 6.95
N ASN C 208 39.87 5.28 8.16
CA ASN C 208 38.82 4.94 9.12
C ASN C 208 37.49 5.66 8.94
N ASP C 209 37.42 6.61 8.00
CA ASP C 209 36.19 7.34 7.76
C ASP C 209 35.16 6.73 6.87
N ASN C 210 35.64 5.76 6.34
CA ASN C 210 35.06 4.91 5.40
C ASN C 210 33.92 4.07 5.96
N PRO C 211 32.78 3.92 5.26
CA PRO C 211 31.72 3.02 5.71
C PRO C 211 32.14 1.57 5.76
N TYR C 212 33.03 1.15 4.87
CA TYR C 212 33.50 -0.23 4.86
C TYR C 212 34.89 -0.36 4.26
N GLY C 213 35.55 -1.47 4.52
CA GLY C 213 36.88 -1.65 3.96
C GLY C 213 36.88 -1.71 2.44
N ASN C 214 37.38 -0.66 1.79
CA ASN C 214 37.45 -0.58 0.34
C ASN C 214 38.06 -1.81 -0.30
N ILE C 215 37.49 -2.21 -1.44
CA ILE C 215 38.02 -3.34 -2.19
C ILE C 215 38.58 -2.72 -3.47
N VAL C 216 39.89 -2.86 -3.64
CA VAL C 216 40.58 -2.31 -4.81
C VAL C 216 41.36 -3.47 -5.44
N ALA C 217 40.75 -4.14 -6.41
CA ALA C 217 41.38 -5.29 -7.03
C ALA C 217 41.78 -5.14 -8.49
N LEU C 218 42.86 -5.84 -8.85
CA LEU C 218 43.38 -5.83 -10.20
C LEU C 218 43.48 -7.28 -10.67
N ASN C 219 43.18 -7.49 -11.94
CA ASN C 219 43.27 -8.82 -12.53
C ASN C 219 42.64 -9.93 -11.68
N GLU C 220 43.33 -11.06 -11.58
CA GLU C 220 42.83 -12.21 -10.83
C GLU C 220 42.30 -11.88 -9.45
N ASN C 221 42.71 -10.75 -8.88
CA ASN C 221 42.24 -10.36 -7.56
C ASN C 221 40.74 -10.04 -7.60
N CYS C 222 40.26 -9.66 -8.78
CA CYS C 222 38.85 -9.33 -8.98
C CYS C 222 37.95 -10.53 -8.67
N ALA C 223 38.53 -11.72 -8.66
CA ALA C 223 37.79 -12.95 -8.39
C ALA C 223 37.64 -13.22 -6.89
N ILE C 224 38.36 -12.46 -6.07
CA ILE C 224 38.29 -12.63 -4.64
C ILE C 224 37.20 -11.71 -4.12
N LEU C 225 36.06 -12.31 -3.78
CA LEU C 225 34.91 -11.56 -3.28
C LEU C 225 35.27 -10.52 -2.22
N HIS C 226 35.91 -10.98 -1.15
CA HIS C 226 36.30 -10.10 -0.05
C HIS C 226 37.80 -9.81 -0.01
N TYR C 227 38.33 -9.30 -1.11
CA TYR C 227 39.75 -8.95 -1.21
C TYR C 227 39.96 -7.72 -0.32
N THR C 228 40.79 -7.86 0.70
CA THR C 228 41.05 -6.77 1.63
C THR C 228 42.38 -6.03 1.47
N HIS C 229 43.44 -6.78 1.17
CA HIS C 229 44.78 -6.22 1.03
C HIS C 229 45.01 -5.37 -0.23
N PHE C 230 46.00 -4.49 -0.19
CA PHE C 230 46.35 -3.63 -1.32
C PHE C 230 47.79 -3.90 -1.75
N ASP C 231 47.99 -4.42 -2.95
CA ASP C 231 49.33 -4.69 -3.44
C ASP C 231 50.13 -3.38 -3.58
N ARG C 232 51.34 -3.37 -3.02
CA ARG C 232 52.18 -2.17 -3.12
C ARG C 232 52.85 -2.18 -4.49
N VAL C 233 52.97 -3.37 -5.09
CA VAL C 233 53.60 -3.48 -6.40
C VAL C 233 52.58 -3.68 -7.52
N ALA C 234 52.63 -2.79 -8.51
CA ALA C 234 51.71 -2.86 -9.64
C ALA C 234 51.91 -4.16 -10.39
N PRO C 235 50.89 -4.59 -11.16
CA PRO C 235 50.98 -5.83 -11.95
C PRO C 235 51.86 -5.64 -13.17
N ALA C 236 52.36 -6.74 -13.72
CA ALA C 236 53.20 -6.70 -14.91
C ALA C 236 52.46 -5.94 -16.00
N THR C 237 51.21 -6.33 -16.23
CA THR C 237 50.36 -5.68 -17.23
C THR C 237 48.97 -5.46 -16.62
N HIS C 238 48.27 -4.46 -17.12
CA HIS C 238 46.94 -4.16 -16.63
C HIS C 238 45.83 -4.70 -17.52
N ARG C 239 44.98 -5.55 -16.95
CA ARG C 239 43.86 -6.14 -17.66
C ARG C 239 42.55 -5.62 -17.11
N SER C 240 42.20 -6.06 -15.91
CA SER C 240 40.96 -5.66 -15.27
C SER C 240 41.15 -4.95 -13.93
N PHE C 241 40.10 -4.23 -13.53
CA PHE C 241 40.07 -3.45 -12.29
C PHE C 241 38.66 -3.42 -11.71
N LEU C 242 38.52 -3.88 -10.47
CA LEU C 242 37.23 -3.88 -9.79
C LEU C 242 37.39 -3.11 -8.47
N ILE C 243 36.76 -1.95 -8.37
CA ILE C 243 36.82 -1.20 -7.13
C ILE C 243 35.44 -1.07 -6.49
N ASP C 244 35.37 -1.49 -5.23
CA ASP C 244 34.15 -1.42 -4.45
C ASP C 244 34.46 -0.51 -3.28
N ALA C 245 34.02 0.73 -3.36
CA ALA C 245 34.29 1.70 -2.32
C ALA C 245 33.14 2.64 -2.15
N GLY C 246 33.01 3.20 -0.95
CA GLY C 246 31.92 4.11 -0.67
C GLY C 246 32.43 5.33 0.06
N ALA C 247 31.56 5.94 0.87
CA ALA C 247 31.91 7.13 1.61
C ALA C 247 30.91 7.40 2.72
N ASN C 248 31.22 8.36 3.56
CA ASN C 248 30.36 8.72 4.66
C ASN C 248 30.01 10.19 4.66
N PHE C 249 28.81 10.46 5.15
CA PHE C 249 28.32 11.80 5.33
C PHE C 249 27.27 11.69 6.44
N ASN C 250 27.55 12.33 7.57
CA ASN C 250 26.66 12.31 8.73
C ASN C 250 26.24 10.92 9.18
N GLY C 251 27.10 9.93 8.97
CA GLY C 251 26.77 8.59 9.41
C GLY C 251 26.13 7.74 8.33
N TYR C 252 25.81 8.35 7.19
CA TYR C 252 25.19 7.60 6.11
C TYR C 252 26.22 7.15 5.08
N ALA C 253 26.00 5.97 4.53
CA ALA C 253 26.94 5.37 3.59
C ALA C 253 26.57 5.16 2.13
N ALA C 254 27.62 5.14 1.30
CA ALA C 254 27.50 4.88 -0.13
C ALA C 254 28.16 3.51 -0.26
N ASP C 255 27.78 2.72 -1.25
CA ASP C 255 28.37 1.39 -1.45
C ASP C 255 28.40 1.14 -2.94
N ILE C 256 29.41 1.69 -3.60
CA ILE C 256 29.54 1.59 -5.05
C ILE C 256 30.64 0.67 -5.57
N THR C 257 30.33 -0.06 -6.65
CA THR C 257 31.30 -0.93 -7.28
C THR C 257 31.33 -0.65 -8.78
N ARG C 258 32.51 -0.78 -9.39
CA ARG C 258 32.70 -0.59 -10.81
C ARG C 258 33.82 -1.49 -11.27
N THR C 259 33.66 -2.12 -12.43
CA THR C 259 34.67 -3.00 -12.97
C THR C 259 35.12 -2.44 -14.30
N TYR C 260 36.42 -2.55 -14.60
CA TYR C 260 36.92 -2.01 -15.86
C TYR C 260 37.83 -2.95 -16.62
N ASP C 261 38.05 -2.61 -17.88
CA ASP C 261 38.93 -3.37 -18.76
C ASP C 261 39.97 -2.36 -19.18
N PHE C 262 41.24 -2.66 -18.93
CA PHE C 262 42.31 -1.74 -19.26
C PHE C 262 42.27 -1.27 -20.72
N THR C 263 42.38 -2.21 -21.65
CA THR C 263 42.36 -1.89 -23.07
C THR C 263 41.02 -1.39 -23.58
N GLY C 264 39.96 -1.73 -22.85
CA GLY C 264 38.63 -1.29 -23.25
C GLY C 264 38.21 -1.94 -24.56
N GLU C 265 38.79 -3.10 -24.86
CA GLU C 265 38.48 -3.83 -26.08
C GLU C 265 38.69 -5.32 -25.84
N GLY C 266 37.97 -6.14 -26.59
CA GLY C 266 38.10 -7.57 -26.45
C GLY C 266 37.05 -8.22 -25.57
N GLU C 267 37.08 -9.54 -25.53
CA GLU C 267 36.13 -10.32 -24.75
C GLU C 267 35.73 -9.75 -23.39
N PHE C 268 36.67 -9.66 -22.46
CA PHE C 268 36.37 -9.13 -21.13
C PHE C 268 35.64 -7.79 -21.20
N ALA C 269 36.17 -6.87 -21.99
CA ALA C 269 35.56 -5.56 -22.15
C ALA C 269 34.09 -5.76 -22.56
N GLU C 270 33.86 -6.66 -23.51
CA GLU C 270 32.52 -6.96 -23.99
C GLU C 270 31.66 -7.53 -22.87
N LEU C 271 32.24 -8.47 -22.12
CA LEU C 271 31.54 -9.12 -21.02
C LEU C 271 31.12 -8.10 -19.97
N VAL C 272 31.90 -7.02 -19.85
CA VAL C 272 31.62 -5.96 -18.88
C VAL C 272 30.45 -5.14 -19.36
N ALA C 273 30.50 -4.71 -20.62
CA ALA C 273 29.44 -3.91 -21.21
C ALA C 273 28.10 -4.61 -21.08
N THR C 274 28.10 -5.92 -21.36
CA THR C 274 26.89 -6.73 -21.27
C THR C 274 26.37 -6.70 -19.84
N MET C 275 27.25 -6.97 -18.88
CA MET C 275 26.88 -6.96 -17.48
C MET C 275 26.32 -5.60 -17.08
N LYS C 276 26.86 -4.53 -17.67
CA LYS C 276 26.40 -3.19 -17.35
C LYS C 276 24.93 -3.05 -17.75
N GLN C 277 24.57 -3.57 -18.91
CA GLN C 277 23.20 -3.50 -19.38
C GLN C 277 22.30 -4.30 -18.44
N HIS C 278 22.70 -5.53 -18.13
CA HIS C 278 21.92 -6.37 -17.23
C HIS C 278 21.69 -5.67 -15.90
N GLN C 279 22.69 -4.93 -15.44
CA GLN C 279 22.62 -4.22 -14.18
C GLN C 279 21.64 -3.06 -14.26
N ILE C 280 21.70 -2.31 -15.36
CA ILE C 280 20.80 -1.18 -15.56
C ILE C 280 19.37 -1.65 -15.81
N ALA C 281 19.23 -2.85 -16.34
CA ALA C 281 17.91 -3.41 -16.64
C ALA C 281 17.26 -3.90 -15.34
N LEU C 282 18.07 -4.40 -14.43
CA LEU C 282 17.55 -4.89 -13.15
C LEU C 282 17.19 -3.71 -12.27
N MET C 283 17.91 -2.60 -12.45
CA MET C 283 17.66 -1.39 -11.70
C MET C 283 16.31 -0.80 -12.10
N ASN C 284 15.99 -0.93 -13.39
CA ASN C 284 14.73 -0.41 -13.91
C ASN C 284 13.55 -1.29 -13.55
N GLN C 285 13.83 -2.45 -12.97
CA GLN C 285 12.77 -3.35 -12.57
C GLN C 285 12.39 -3.09 -11.11
N LEU C 286 13.01 -2.08 -10.51
CA LEU C 286 12.71 -1.72 -9.12
C LEU C 286 11.48 -0.82 -9.08
N ALA C 287 10.52 -1.18 -8.25
CA ALA C 287 9.29 -0.41 -8.12
C ALA C 287 8.55 -0.89 -6.89
N PRO C 288 7.85 0.02 -6.20
CA PRO C 288 7.10 -0.36 -5.00
C PRO C 288 6.21 -1.57 -5.27
N GLY C 289 6.26 -2.55 -4.38
CA GLY C 289 5.44 -3.75 -4.55
C GLY C 289 6.18 -4.89 -5.22
N LYS C 290 7.28 -4.56 -5.90
CA LYS C 290 8.07 -5.58 -6.58
C LYS C 290 8.70 -6.53 -5.57
N LEU C 291 8.67 -7.82 -5.90
CA LEU C 291 9.25 -8.82 -5.01
C LEU C 291 10.72 -9.04 -5.36
N TYR C 292 11.60 -8.70 -4.41
CA TYR C 292 13.03 -8.88 -4.61
C TYR C 292 13.31 -10.25 -5.22
N GLY C 293 12.66 -11.27 -4.65
CA GLY C 293 12.82 -12.63 -5.14
C GLY C 293 12.69 -12.73 -6.64
N GLU C 294 11.90 -11.82 -7.23
CA GLU C 294 11.71 -11.81 -8.67
C GLU C 294 12.99 -11.29 -9.34
N LEU C 295 13.46 -10.15 -8.85
CA LEU C 295 14.68 -9.52 -9.37
C LEU C 295 15.86 -10.47 -9.26
N HIS C 296 15.94 -11.15 -8.13
CA HIS C 296 17.02 -12.09 -7.88
C HIS C 296 16.99 -13.22 -8.91
N LEU C 297 15.81 -13.81 -9.10
CA LEU C 297 15.66 -14.90 -10.04
C LEU C 297 15.93 -14.43 -11.46
N ASP C 298 15.61 -13.17 -11.74
CA ASP C 298 15.83 -12.62 -13.07
C ASP C 298 17.32 -12.46 -13.33
N CYS C 299 18.06 -11.96 -12.34
CA CYS C 299 19.50 -11.78 -12.50
C CYS C 299 20.16 -13.09 -12.87
N HIS C 300 19.80 -14.16 -12.17
CA HIS C 300 20.36 -15.48 -12.45
C HIS C 300 20.03 -15.89 -13.88
N GLN C 301 19.00 -15.26 -14.44
CA GLN C 301 18.58 -15.53 -15.81
C GLN C 301 19.46 -14.69 -16.74
N ARG C 302 19.68 -13.43 -16.35
CA ARG C 302 20.50 -12.52 -17.14
C ARG C 302 21.90 -13.11 -17.26
N VAL C 303 22.40 -13.60 -16.13
CA VAL C 303 23.73 -14.20 -16.08
C VAL C 303 23.78 -15.40 -17.00
N ALA C 304 22.77 -16.28 -16.88
CA ALA C 304 22.69 -17.47 -17.71
C ALA C 304 22.76 -17.08 -19.19
N GLN C 305 22.01 -16.05 -19.56
CA GLN C 305 22.01 -15.60 -20.94
C GLN C 305 23.42 -15.21 -21.34
N THR C 306 24.10 -14.50 -20.46
CA THR C 306 25.47 -14.05 -20.71
C THR C 306 26.41 -15.25 -20.85
N LEU C 307 26.25 -16.24 -19.98
CA LEU C 307 27.09 -17.42 -20.03
C LEU C 307 26.88 -18.17 -21.35
N SER C 308 25.68 -18.06 -21.90
CA SER C 308 25.35 -18.72 -23.16
C SER C 308 25.82 -17.90 -24.35
N ASP C 309 25.70 -16.58 -24.26
CA ASP C 309 26.11 -15.70 -25.35
C ASP C 309 27.62 -15.64 -25.54
N PHE C 310 28.38 -15.66 -24.45
CA PHE C 310 29.83 -15.60 -24.55
C PHE C 310 30.50 -16.96 -24.64
N ASN C 311 29.70 -17.99 -24.87
CA ASN C 311 30.21 -19.36 -25.03
C ASN C 311 30.86 -19.93 -23.77
N ILE C 312 30.75 -19.24 -22.65
CA ILE C 312 31.34 -19.75 -21.42
C ILE C 312 30.77 -21.13 -21.13
N VAL C 313 29.46 -21.27 -21.29
CA VAL C 313 28.79 -22.56 -21.08
C VAL C 313 28.11 -22.96 -22.40
N ASP C 314 28.19 -24.24 -22.75
CA ASP C 314 27.61 -24.73 -23.99
C ASP C 314 26.17 -25.21 -23.84
N LEU C 315 25.32 -24.33 -23.34
CA LEU C 315 23.89 -24.63 -23.16
C LEU C 315 23.09 -23.37 -23.43
N SER C 316 21.77 -23.52 -23.49
CA SER C 316 20.89 -22.37 -23.72
C SER C 316 20.71 -21.69 -22.36
N ALA C 317 20.30 -20.43 -22.39
CA ALA C 317 20.09 -19.67 -21.16
C ALA C 317 19.26 -20.45 -20.13
N ASP C 318 18.12 -20.96 -20.56
CA ASP C 318 17.22 -21.70 -19.68
C ASP C 318 17.82 -22.98 -19.13
N GLU C 319 18.65 -23.66 -19.92
CA GLU C 319 19.27 -24.90 -19.46
C GLU C 319 20.27 -24.57 -18.35
N ILE C 320 20.98 -23.46 -18.51
CA ILE C 320 21.96 -23.02 -17.53
C ILE C 320 21.26 -22.80 -16.19
N VAL C 321 20.18 -22.02 -16.20
CA VAL C 321 19.43 -21.75 -14.99
C VAL C 321 18.89 -23.07 -14.44
N ALA C 322 18.46 -23.93 -15.35
CA ALA C 322 17.91 -25.23 -14.99
C ALA C 322 18.89 -26.10 -14.21
N LYS C 323 20.07 -26.30 -14.79
CA LYS C 323 21.09 -27.12 -14.16
C LYS C 323 21.72 -26.43 -12.95
N GLY C 324 21.33 -25.18 -12.73
CA GLY C 324 21.84 -24.40 -11.60
C GLY C 324 23.34 -24.23 -11.56
N ILE C 325 23.92 -23.76 -12.66
CA ILE C 325 25.35 -23.55 -12.73
C ILE C 325 25.68 -22.07 -12.56
N THR C 326 24.66 -21.23 -12.65
CA THR C 326 24.83 -19.79 -12.52
C THR C 326 25.39 -19.44 -11.14
N SER C 327 25.06 -20.24 -10.14
CA SER C 327 25.53 -19.99 -8.79
C SER C 327 27.05 -20.11 -8.66
N THR C 328 27.71 -20.55 -9.73
CA THR C 328 29.17 -20.69 -9.69
C THR C 328 29.86 -19.56 -10.45
N PHE C 329 29.08 -18.57 -10.87
CA PHE C 329 29.59 -17.41 -11.58
C PHE C 329 28.99 -16.17 -10.93
N PHE C 330 28.05 -16.42 -10.02
CA PHE C 330 27.35 -15.38 -9.27
C PHE C 330 26.89 -16.04 -7.98
N PRO C 331 27.82 -16.21 -7.02
CA PRO C 331 27.55 -16.84 -5.73
C PRO C 331 27.04 -15.93 -4.63
N HIS C 332 26.75 -14.68 -4.95
CA HIS C 332 26.26 -13.77 -3.92
C HIS C 332 24.93 -13.11 -4.27
N GLY C 333 24.26 -12.58 -3.25
CA GLY C 333 22.99 -11.91 -3.45
C GLY C 333 23.01 -10.85 -4.52
N LEU C 334 21.83 -10.36 -4.91
CA LEU C 334 21.74 -9.33 -5.93
C LEU C 334 21.76 -7.93 -5.34
N GLY C 335 21.29 -7.77 -4.11
CA GLY C 335 21.28 -6.45 -3.50
C GLY C 335 20.94 -6.46 -2.03
N HIS C 336 20.82 -5.27 -1.44
CA HIS C 336 20.52 -5.13 -0.04
C HIS C 336 20.20 -3.67 0.26
N HIS C 337 19.59 -3.42 1.40
CA HIS C 337 19.26 -2.07 1.83
C HIS C 337 20.52 -1.41 2.30
N ILE C 338 20.55 -0.08 2.27
CA ILE C 338 21.70 0.68 2.73
C ILE C 338 21.19 1.95 3.36
N GLY C 339 21.92 2.47 4.34
CA GLY C 339 21.54 3.70 5.02
C GLY C 339 22.62 4.01 6.04
N LEU C 340 22.27 3.95 7.32
CA LEU C 340 23.25 4.20 8.37
C LEU C 340 24.26 3.05 8.39
N GLN C 341 23.90 1.93 7.79
CA GLN C 341 24.80 0.80 7.74
C GLN C 341 24.83 0.24 6.32
N VAL C 342 26.01 -0.08 5.83
CA VAL C 342 26.18 -0.60 4.49
C VAL C 342 25.16 -1.70 4.21
N HIS C 343 25.15 -2.72 5.04
CA HIS C 343 24.19 -3.80 4.90
C HIS C 343 23.12 -3.42 5.93
N ASP C 344 22.26 -2.49 5.53
CA ASP C 344 21.24 -1.96 6.41
C ASP C 344 20.18 -2.93 6.95
N VAL C 345 19.60 -2.53 8.08
CA VAL C 345 18.58 -3.30 8.78
C VAL C 345 17.19 -3.22 8.12
N THR C 369 11.14 -12.93 0.19
CA THR C 369 9.67 -12.82 0.23
C THR C 369 9.22 -11.39 0.47
N ARG C 370 10.15 -10.52 0.84
CA ARG C 370 9.81 -9.12 1.11
C ARG C 370 9.74 -8.29 -0.16
N LYS C 371 8.79 -7.36 -0.20
CA LYS C 371 8.59 -6.49 -1.34
C LYS C 371 9.40 -5.21 -1.22
N ILE C 372 9.59 -4.55 -2.35
CA ILE C 372 10.32 -3.29 -2.42
C ILE C 372 9.30 -2.17 -2.21
N GLU C 373 9.65 -1.15 -1.44
CA GLU C 373 8.73 -0.04 -1.22
C GLU C 373 9.39 1.31 -1.37
N ALA C 374 8.57 2.35 -1.52
CA ALA C 374 9.05 3.70 -1.69
C ALA C 374 9.84 4.15 -0.48
N ASN C 375 10.77 5.08 -0.69
CA ASN C 375 11.64 5.61 0.36
C ASN C 375 12.63 4.61 0.93
N GLN C 376 12.83 3.51 0.21
CA GLN C 376 13.79 2.51 0.63
C GLN C 376 14.98 2.68 -0.33
N VAL C 377 16.20 2.47 0.17
CA VAL C 377 17.39 2.61 -0.67
C VAL C 377 18.05 1.24 -0.85
N PHE C 378 18.22 0.84 -2.10
CA PHE C 378 18.82 -0.45 -2.39
C PHE C 378 20.12 -0.30 -3.17
N THR C 379 20.81 -1.42 -3.31
CA THR C 379 22.03 -1.47 -4.08
C THR C 379 21.80 -2.63 -5.04
N ILE C 380 21.92 -2.38 -6.34
CA ILE C 380 21.75 -3.45 -7.31
C ILE C 380 23.19 -3.81 -7.71
N GLU C 381 23.64 -4.99 -7.29
CA GLU C 381 25.01 -5.39 -7.58
C GLU C 381 25.22 -6.77 -8.17
N PRO C 382 24.83 -6.97 -9.44
CA PRO C 382 24.98 -8.25 -10.13
C PRO C 382 26.46 -8.52 -10.43
N GLY C 383 26.85 -9.79 -10.52
CA GLY C 383 28.23 -10.11 -10.80
C GLY C 383 28.49 -11.38 -11.59
N LEU C 384 29.65 -11.43 -12.24
CA LEU C 384 30.05 -12.57 -13.05
C LEU C 384 31.53 -12.83 -12.72
N TYR C 385 31.80 -13.89 -11.96
CA TYR C 385 33.17 -14.19 -11.55
C TYR C 385 33.73 -15.52 -12.04
N PHE C 386 35.06 -15.63 -12.00
CA PHE C 386 35.76 -16.85 -12.41
C PHE C 386 36.62 -17.29 -11.24
N ILE C 387 35.95 -17.80 -10.21
CA ILE C 387 36.59 -18.27 -8.99
C ILE C 387 37.05 -19.72 -9.06
N ASP C 388 38.34 -19.95 -8.78
CA ASP C 388 38.91 -21.30 -8.80
C ASP C 388 38.12 -22.25 -7.91
N SER C 389 38.01 -21.90 -6.64
CA SER C 389 37.28 -22.71 -5.67
C SER C 389 36.01 -23.33 -6.23
N LEU C 390 35.12 -22.49 -6.78
CA LEU C 390 33.86 -22.94 -7.35
C LEU C 390 34.05 -23.69 -8.68
N LEU C 391 34.84 -23.11 -9.58
CA LEU C 391 35.09 -23.74 -10.87
C LEU C 391 35.60 -25.17 -10.67
N GLY C 392 36.26 -25.40 -9.55
CA GLY C 392 36.79 -26.72 -9.25
C GLY C 392 35.69 -27.70 -8.85
N ASP C 393 34.81 -27.25 -7.96
CA ASP C 393 33.69 -28.07 -7.50
C ASP C 393 32.81 -28.45 -8.68
N LEU C 394 32.59 -27.49 -9.57
CA LEU C 394 31.75 -27.68 -10.75
C LEU C 394 32.32 -28.69 -11.75
N ALA C 395 33.63 -28.66 -11.95
CA ALA C 395 34.27 -29.58 -12.89
C ALA C 395 34.22 -31.03 -12.39
N ALA C 396 33.62 -31.23 -11.23
CA ALA C 396 33.52 -32.57 -10.65
C ALA C 396 32.12 -33.15 -10.74
N THR C 397 31.21 -32.42 -11.39
CA THR C 397 29.84 -32.87 -11.54
C THR C 397 29.54 -33.10 -13.02
N ASP C 398 28.32 -33.55 -13.30
CA ASP C 398 27.90 -33.82 -14.68
C ASP C 398 27.79 -32.56 -15.53
N ASN C 399 28.25 -31.44 -15.00
CA ASN C 399 28.20 -30.17 -15.71
C ASN C 399 29.53 -29.91 -16.40
N ASN C 400 30.58 -30.57 -15.91
CA ASN C 400 31.93 -30.43 -16.46
C ASN C 400 31.95 -30.64 -17.97
N GLN C 401 31.17 -31.61 -18.43
CA GLN C 401 31.08 -31.94 -19.85
C GLN C 401 30.48 -30.81 -20.69
N HIS C 402 29.73 -29.93 -20.04
CA HIS C 402 29.06 -28.82 -20.72
C HIS C 402 29.88 -27.53 -20.78
N ILE C 403 30.67 -27.29 -19.74
CA ILE C 403 31.49 -26.09 -19.64
C ILE C 403 32.63 -25.97 -20.65
N ASN C 404 32.75 -24.80 -21.25
CA ASN C 404 33.80 -24.53 -22.23
C ASN C 404 35.04 -24.02 -21.51
N TRP C 405 35.89 -24.94 -21.07
CA TRP C 405 37.11 -24.57 -20.34
C TRP C 405 38.09 -23.72 -21.12
N ASP C 406 38.12 -23.87 -22.45
CA ASP C 406 39.03 -23.08 -23.27
C ASP C 406 38.60 -21.62 -23.26
N LYS C 407 37.42 -21.37 -22.70
CA LYS C 407 36.90 -20.02 -22.60
C LYS C 407 37.09 -19.51 -21.19
N VAL C 408 37.07 -20.42 -20.22
CA VAL C 408 37.27 -20.06 -18.81
C VAL C 408 38.69 -19.55 -18.64
N ALA C 409 39.66 -20.35 -19.04
CA ALA C 409 41.08 -19.99 -18.93
C ALA C 409 41.40 -18.71 -19.70
N GLU C 410 40.54 -18.35 -20.64
CA GLU C 410 40.75 -17.14 -21.43
C GLU C 410 40.34 -15.88 -20.67
N LEU C 411 39.34 -16.00 -19.80
CA LEU C 411 38.85 -14.88 -19.01
C LEU C 411 39.29 -14.98 -17.55
N LYS C 412 39.66 -16.18 -17.13
CA LYS C 412 40.11 -16.46 -15.78
C LYS C 412 41.12 -15.40 -15.33
N PRO C 413 42.05 -15.00 -16.22
CA PRO C 413 43.06 -13.99 -15.88
C PRO C 413 42.50 -12.63 -15.48
N PHE C 414 41.22 -12.38 -15.77
CA PHE C 414 40.62 -11.10 -15.43
C PHE C 414 39.84 -11.13 -14.12
N GLY C 415 39.76 -12.30 -13.50
CA GLY C 415 39.06 -12.42 -12.23
C GLY C 415 37.55 -12.46 -12.24
N GLY C 416 36.91 -11.30 -12.25
CA GLY C 416 35.47 -11.26 -12.23
C GLY C 416 34.88 -9.89 -12.50
N ILE C 417 33.59 -9.75 -12.25
CA ILE C 417 32.91 -8.47 -12.50
C ILE C 417 31.78 -8.16 -11.51
N ARG C 418 31.64 -6.88 -11.18
CA ARG C 418 30.57 -6.44 -10.32
C ARG C 418 30.32 -4.96 -10.55
N ILE C 419 29.04 -4.63 -10.76
CA ILE C 419 28.60 -3.26 -11.00
C ILE C 419 27.52 -2.98 -9.97
N GLU C 420 27.76 -1.99 -9.13
CA GLU C 420 26.83 -1.66 -8.06
C GLU C 420 26.48 -0.18 -7.94
N ASP C 421 25.18 0.10 -7.88
CA ASP C 421 24.69 1.45 -7.72
C ASP C 421 23.83 1.50 -6.47
N ASN C 422 23.50 2.72 -6.04
CA ASN C 422 22.64 2.94 -4.89
C ASN C 422 21.40 3.65 -5.43
N ILE C 423 20.28 2.94 -5.47
CA ILE C 423 19.03 3.50 -6.01
C ILE C 423 17.94 3.78 -4.97
N ILE C 424 17.45 5.02 -4.97
CA ILE C 424 16.37 5.41 -4.05
C ILE C 424 15.04 5.11 -4.73
N VAL C 425 14.29 4.15 -4.19
CA VAL C 425 12.99 3.81 -4.75
C VAL C 425 11.93 4.77 -4.26
N HIS C 426 11.55 5.71 -5.12
CA HIS C 426 10.50 6.71 -4.82
C HIS C 426 9.14 6.12 -5.23
N GLU C 427 8.05 6.78 -4.87
CA GLU C 427 6.75 6.25 -5.26
C GLU C 427 6.40 6.66 -6.68
N ASP C 428 6.86 7.83 -7.10
CA ASP C 428 6.60 8.32 -8.44
C ASP C 428 7.67 7.86 -9.43
N SER C 429 8.81 7.42 -8.91
CA SER C 429 9.90 7.00 -9.77
C SER C 429 11.10 6.42 -9.03
N LEU C 430 12.18 6.22 -9.78
CA LEU C 430 13.43 5.68 -9.26
C LEU C 430 14.50 6.77 -9.36
N GLU C 431 15.41 6.80 -8.39
CA GLU C 431 16.49 7.77 -8.40
C GLU C 431 17.82 7.06 -8.18
N ASN C 432 18.53 6.78 -9.28
CA ASN C 432 19.83 6.13 -9.19
C ASN C 432 20.85 7.21 -8.89
N MET C 433 21.09 7.44 -7.61
CA MET C 433 22.03 8.45 -7.14
C MET C 433 23.38 8.34 -7.84
N THR C 434 23.91 7.13 -7.84
CA THR C 434 25.21 6.83 -8.44
C THR C 434 25.31 7.26 -9.89
N ARG C 435 24.47 6.67 -10.74
CA ARG C 435 24.50 6.98 -12.16
C ARG C 435 24.01 8.39 -12.49
N GLU C 436 23.34 9.05 -11.54
CA GLU C 436 22.88 10.40 -11.81
C GLU C 436 24.04 11.35 -11.53
N LEU C 437 25.07 10.81 -10.88
CA LEU C 437 26.27 11.57 -10.57
C LEU C 437 27.25 11.49 -11.74
N ARG C 438 26.84 10.80 -12.80
CA ARG C 438 27.63 10.64 -14.02
C ARG C 438 28.76 9.61 -13.92
N LEU C 439 28.53 8.51 -13.21
CA LEU C 439 29.53 7.48 -13.11
C LEU C 439 29.15 6.35 -14.04
N ARG C 440 29.80 6.30 -15.21
CA ARG C 440 29.52 5.24 -16.17
C ARG C 440 29.84 3.87 -15.62
MN MN D . -12.16 -19.40 13.48
MN MN E . -12.43 -21.51 16.07
MN MN F . -26.94 15.75 28.05
C GOA G . -14.04 -21.28 13.76
CA GOA G . -15.20 -21.47 14.70
O GOA G . -12.88 -21.58 14.19
OXT GOA G . -14.25 -20.63 12.71
O2 GOA G . -15.06 -20.67 15.87
MN MN H . -13.53 9.49 -22.14
MN MN I . -16.09 10.90 -23.75
MN MN J . 17.69 13.69 -9.58
MN MN K . -9.14 12.93 -34.13
C GOA L . -13.40 10.34 -24.72
CA GOA L . -13.57 11.68 -25.40
O GOA L . -14.43 9.68 -24.34
OXT GOA L . -12.24 9.97 -24.47
O2 GOA L . -14.45 12.56 -24.69
MN MN M . 26.78 -3.76 -1.54
MN MN N . 29.77 -2.98 -2.38
MN MN O . 34.97 -11.81 4.58
C GOA P . 29.05 -5.17 -0.89
CA GOA P . 30.22 -4.75 -0.03
O GOA P . 29.13 -5.00 -2.13
OXT GOA P . 27.98 -5.42 -0.28
O2 GOA P . 30.20 -3.34 0.19
#